data_7Y98
#
_entry.id   7Y98
#
_cell.length_a   72.722
_cell.length_b   95.703
_cell.length_c   78.987
_cell.angle_alpha   90.000
_cell.angle_beta   104.300
_cell.angle_gamma   90.000
#
_symmetry.space_group_name_H-M   'P 1 21 1'
#
loop_
_entity.id
_entity.type
_entity.pdbx_description
1 polymer 'Cytochrome P450 monooxygenase YjiB'
2 non-polymer 'PROTOPORPHYRIN IX CONTAINING FE'
3 non-polymer TESTOSTERONE
4 water water
#
_entity_poly.entity_id   1
_entity_poly.type   'polypeptide(L)'
_entity_poly.pdbx_seq_one_letter_code
;GMNSAKQQNPIQKALLNGKNRQDPYDPFPWYEKMRKESPVYYDEDSKVWSVFLYDDVKRVISDKDFFSNQFPQLESGNTF
AKTMVSMDPPKHTRIRSIVSKAFTPRIMKEWEPRIRVLTDELLGKARGRDEIDLVQDFSYPLPVMVISELLGVPSEHKEK
FKEWSDLLVSLPKSAYEEDVMEWRTIRNKGEEDLSAFFENVIEEKRRNLGDDIISLLIQAEEDGDRLSPDELVPFCNLLL
LAGNETTTNLISNMVYSILEKPGTFDELANQPDLIPQAVEEAVRFRAPAPMIVRFVQQDTAIRGVNLKKGEGVIAFLASA
NRDEAAFERAHEFDIHRHPNRHIGFGHGIHFCLGAPLARLETKIALEALLKQYSAMETISTEPMANSSMYGLKHFRLHVK
EALLSS
;
_entity_poly.pdbx_strand_id   A,B
#
# COMPACT_ATOMS: atom_id res chain seq x y z
N ASP A 23 -14.35 -30.18 14.80
CA ASP A 23 -13.83 -29.48 15.98
C ASP A 23 -14.44 -28.08 16.04
N PRO A 24 -14.23 -27.35 17.14
CA PRO A 24 -14.72 -25.96 17.19
C PRO A 24 -14.08 -25.04 16.17
N TYR A 25 -13.05 -25.50 15.46
CA TYR A 25 -12.40 -24.71 14.43
C TYR A 25 -13.00 -24.96 13.05
N ASP A 26 -14.06 -25.76 12.96
CA ASP A 26 -14.81 -25.95 11.71
C ASP A 26 -16.31 -25.85 11.98
N PRO A 27 -16.81 -24.68 12.40
CA PRO A 27 -18.26 -24.51 12.55
C PRO A 27 -18.99 -24.29 11.23
N PHE A 28 -18.25 -24.21 10.13
CA PHE A 28 -18.83 -23.80 8.84
C PHE A 28 -19.89 -24.76 8.31
N PRO A 29 -19.71 -26.09 8.29
CA PRO A 29 -20.84 -26.96 7.91
C PRO A 29 -22.12 -26.64 8.68
N TRP A 30 -22.00 -26.31 9.97
CA TRP A 30 -23.20 -25.97 10.74
C TRP A 30 -23.81 -24.66 10.26
N TYR A 31 -22.97 -23.65 10.01
CA TYR A 31 -23.47 -22.41 9.41
C TYR A 31 -24.22 -22.68 8.12
N GLU A 32 -23.64 -23.49 7.24
CA GLU A 32 -24.29 -23.80 5.96
C GLU A 32 -25.61 -24.51 6.19
N LYS A 33 -25.64 -25.46 7.14
CA LYS A 33 -26.89 -26.12 7.51
C LYS A 33 -27.94 -25.10 7.93
N MET A 34 -27.59 -24.21 8.87
CA MET A 34 -28.54 -23.21 9.33
C MET A 34 -28.94 -22.26 8.21
N ARG A 35 -28.00 -21.92 7.32
CA ARG A 35 -28.34 -20.99 6.21
C ARG A 35 -29.40 -21.61 5.32
N LYS A 36 -29.45 -22.94 5.25
CA LYS A 36 -30.40 -23.64 4.36
C LYS A 36 -31.66 -24.10 5.11
N GLU A 37 -31.51 -24.55 6.37
CA GLU A 37 -32.67 -25.11 7.13
C GLU A 37 -33.43 -24.04 7.94
N SER A 38 -32.75 -23.30 8.82
CA SER A 38 -33.47 -22.31 9.66
C SER A 38 -32.74 -20.96 9.65
N PRO A 39 -32.66 -20.25 8.49
CA PRO A 39 -31.95 -18.97 8.36
C PRO A 39 -32.23 -17.98 9.51
N VAL A 40 -33.51 -17.81 9.86
CA VAL A 40 -33.90 -17.01 11.05
C VAL A 40 -34.39 -18.03 12.06
N TYR A 41 -33.58 -18.33 13.06
CA TYR A 41 -33.94 -19.40 14.03
C TYR A 41 -34.17 -18.86 15.43
N TYR A 42 -35.23 -19.35 16.06
CA TYR A 42 -35.58 -18.95 17.45
C TYR A 42 -35.10 -20.07 18.38
N ASP A 43 -34.30 -19.73 19.38
CA ASP A 43 -33.86 -20.76 20.37
C ASP A 43 -34.82 -20.68 21.55
N GLU A 44 -35.84 -21.54 21.55
CA GLU A 44 -36.89 -21.58 22.60
C GLU A 44 -36.29 -21.54 24.00
N ASP A 45 -35.29 -22.36 24.26
CA ASP A 45 -34.59 -22.43 25.57
C ASP A 45 -34.18 -21.04 26.05
N SER A 46 -33.32 -20.36 25.29
CA SER A 46 -32.80 -19.02 25.68
C SER A 46 -33.71 -17.88 25.24
N LYS A 47 -34.69 -18.16 24.37
CA LYS A 47 -35.62 -17.15 23.83
C LYS A 47 -34.82 -16.07 23.09
N VAL A 48 -33.82 -16.48 22.31
CA VAL A 48 -32.95 -15.56 21.53
C VAL A 48 -33.00 -15.97 20.06
N TRP A 49 -32.97 -14.99 19.15
CA TRP A 49 -33.00 -15.25 17.69
C TRP A 49 -31.57 -15.40 17.16
N SER A 50 -31.43 -15.99 15.97
CA SER A 50 -30.13 -16.21 15.28
C SER A 50 -30.32 -16.05 13.78
N VAL A 51 -29.56 -15.15 13.16
CA VAL A 51 -29.65 -14.93 11.69
C VAL A 51 -28.34 -15.41 11.05
N PHE A 52 -28.42 -16.06 9.89
CA PHE A 52 -27.21 -16.63 9.26
C PHE A 52 -27.03 -16.15 7.81
N LEU A 53 -28.10 -15.66 7.19
CA LEU A 53 -28.00 -15.20 5.78
C LEU A 53 -27.28 -13.85 5.74
N TYR A 54 -26.44 -13.65 4.72
CA TYR A 54 -25.66 -12.40 4.57
C TYR A 54 -26.59 -11.18 4.62
N ASP A 55 -27.64 -11.19 3.81
CA ASP A 55 -28.58 -10.04 3.74
C ASP A 55 -29.25 -9.84 5.10
N ASP A 56 -29.64 -10.92 5.78
CA ASP A 56 -30.32 -10.80 7.09
C ASP A 56 -29.33 -10.28 8.13
N VAL A 57 -28.11 -10.83 8.16
CA VAL A 57 -27.08 -10.38 9.14
C VAL A 57 -26.77 -8.90 8.88
N LYS A 58 -26.60 -8.55 7.61
CA LYS A 58 -26.26 -7.16 7.23
C LYS A 58 -27.30 -6.19 7.80
N ARG A 59 -28.58 -6.52 7.63
CA ARG A 59 -29.68 -5.64 8.12
C ARG A 59 -29.71 -5.59 9.65
N VAL A 60 -29.57 -6.75 10.31
CA VAL A 60 -29.62 -6.81 11.80
C VAL A 60 -28.53 -5.94 12.43
N ILE A 61 -27.34 -5.90 11.85
CA ILE A 61 -26.23 -5.10 12.46
C ILE A 61 -26.26 -3.65 11.97
N SER A 62 -26.99 -3.34 10.91
CA SER A 62 -26.97 -1.96 10.37
C SER A 62 -28.28 -1.20 10.59
N ASP A 63 -29.44 -1.86 10.50
CA ASP A 63 -30.75 -1.15 10.68
C ASP A 63 -30.89 -0.75 12.15
N LYS A 64 -30.33 0.40 12.53
CA LYS A 64 -30.32 0.89 13.94
C LYS A 64 -31.73 1.25 14.41
N ASP A 65 -32.62 1.63 13.51
CA ASP A 65 -34.01 2.01 13.90
C ASP A 65 -34.76 0.77 14.42
N PHE A 66 -34.45 -0.42 13.91
CA PHE A 66 -35.17 -1.65 14.34
C PHE A 66 -34.31 -2.56 15.23
N PHE A 67 -32.99 -2.43 15.15
CA PHE A 67 -32.09 -3.30 15.97
C PHE A 67 -31.11 -2.41 16.73
N SER A 68 -31.19 -2.47 18.07
CA SER A 68 -30.38 -1.60 18.96
C SER A 68 -29.18 -2.34 19.55
N ASN A 69 -28.22 -1.57 20.09
CA ASN A 69 -26.99 -2.11 20.72
C ASN A 69 -27.15 -2.03 22.25
N GLN A 70 -28.15 -1.28 22.71
CA GLN A 70 -28.40 -1.10 24.17
C GLN A 70 -28.74 -2.45 24.79
N PHE A 71 -28.24 -2.72 25.99
CA PHE A 71 -28.49 -4.03 26.65
C PHE A 71 -29.47 -3.88 27.83
N PRO A 72 -30.78 -4.13 27.64
CA PRO A 72 -31.75 -4.08 28.72
C PRO A 72 -31.62 -5.47 29.38
N GLN A 73 -31.32 -5.51 30.69
CA GLN A 73 -31.13 -6.73 31.55
C GLN A 73 -29.75 -7.39 31.35
N LEU A 74 -29.41 -8.32 32.25
CA LEU A 74 -28.10 -9.02 32.21
C LEU A 74 -26.97 -7.98 32.10
N GLU A 75 -26.99 -7.00 32.99
CA GLU A 75 -26.00 -5.88 33.02
C GLU A 75 -24.90 -6.20 34.04
N THR A 79 -19.86 -8.11 29.34
CA THR A 79 -18.57 -7.48 29.70
C THR A 79 -18.48 -6.09 29.04
N PHE A 80 -19.51 -5.71 28.29
CA PHE A 80 -19.58 -4.37 27.65
C PHE A 80 -20.78 -3.63 28.23
N ALA A 81 -20.58 -2.44 28.79
CA ALA A 81 -21.70 -1.69 29.40
C ALA A 81 -21.44 -0.18 29.36
N LYS A 82 -20.26 0.25 29.80
CA LYS A 82 -19.91 1.70 29.82
C LYS A 82 -19.29 2.11 28.49
N THR A 83 -19.06 1.13 27.60
CA THR A 83 -18.43 1.35 26.28
C THR A 83 -19.46 1.87 25.27
N MET A 84 -19.00 2.32 24.11
CA MET A 84 -19.88 2.82 23.03
C MET A 84 -20.47 1.63 22.25
N VAL A 85 -19.98 0.43 22.52
CA VAL A 85 -20.50 -0.80 21.85
C VAL A 85 -21.93 -1.02 22.30
N SER A 86 -22.24 -0.73 23.57
CA SER A 86 -23.61 -0.91 24.12
C SER A 86 -24.39 0.40 24.06
N MET A 87 -24.00 1.33 23.19
CA MET A 87 -24.69 2.64 23.09
C MET A 87 -25.44 2.78 21.77
N ASP A 88 -26.41 3.67 21.76
CA ASP A 88 -27.20 4.02 20.54
C ASP A 88 -27.18 5.54 20.37
N PRO A 89 -27.59 6.08 19.21
CA PRO A 89 -27.65 7.52 19.04
C PRO A 89 -28.73 8.12 19.96
N PRO A 90 -28.57 9.36 20.47
CA PRO A 90 -27.50 10.24 20.03
C PRO A 90 -26.23 10.14 20.89
N LYS A 91 -26.28 9.39 21.99
CA LYS A 91 -25.11 9.25 22.89
C LYS A 91 -23.93 8.62 22.13
N HIS A 92 -24.18 7.57 21.35
CA HIS A 92 -23.11 6.88 20.59
C HIS A 92 -22.48 7.82 19.58
N THR A 93 -23.29 8.50 18.77
CA THR A 93 -22.82 9.41 17.69
C THR A 93 -21.77 10.40 18.22
N ARG A 94 -22.05 11.03 19.34
CA ARG A 94 -21.15 12.06 19.94
C ARG A 94 -19.80 11.46 20.34
N ILE A 95 -19.79 10.30 21.02
CA ILE A 95 -18.51 9.69 21.46
C ILE A 95 -17.79 9.10 20.25
N ARG A 96 -18.52 8.56 19.29
CA ARG A 96 -17.91 7.94 18.08
C ARG A 96 -17.18 9.01 17.25
N SER A 97 -17.76 10.21 17.16
CA SER A 97 -17.16 11.28 16.33
C SER A 97 -15.93 11.89 17.02
N ILE A 98 -15.81 11.72 18.34
CA ILE A 98 -14.63 12.27 19.08
C ILE A 98 -13.49 11.24 19.06
N VAL A 99 -13.80 9.96 19.26
CA VAL A 99 -12.74 8.90 19.31
C VAL A 99 -12.20 8.61 17.90
N SER A 100 -12.96 8.94 16.85
CA SER A 100 -12.58 8.70 15.44
C SER A 100 -11.37 9.56 15.02
N LYS A 101 -11.14 10.69 15.69
CA LYS A 101 -10.02 11.64 15.42
C LYS A 101 -8.65 11.05 15.77
N ALA A 102 -8.58 9.99 16.57
CA ALA A 102 -7.32 9.34 16.95
C ALA A 102 -7.04 8.13 16.05
N PHE A 103 -7.90 7.89 15.06
CA PHE A 103 -7.71 6.70 14.19
C PHE A 103 -7.82 7.07 12.70
N THR A 104 -7.39 8.29 12.33
CA THR A 104 -7.48 8.73 10.91
C THR A 104 -6.36 8.11 10.09
N PRO A 105 -6.50 8.04 8.74
CA PRO A 105 -5.48 7.46 7.87
C PRO A 105 -4.08 8.06 8.08
N ARG A 106 -3.97 9.36 8.28
CA ARG A 106 -2.65 10.00 8.47
C ARG A 106 -2.05 9.60 9.83
N ILE A 107 -2.90 9.29 10.82
CA ILE A 107 -2.41 8.83 12.14
C ILE A 107 -1.90 7.40 11.97
N MET A 108 -2.58 6.60 11.15
CA MET A 108 -2.18 5.19 10.89
C MET A 108 -0.78 5.16 10.26
N LYS A 109 -0.48 6.10 9.36
CA LYS A 109 0.84 6.16 8.70
C LYS A 109 1.93 6.50 9.71
N GLU A 110 1.59 7.33 10.71
CA GLU A 110 2.54 7.72 11.78
C GLU A 110 2.89 6.50 12.65
N TRP A 111 1.94 5.59 12.83
CA TRP A 111 2.13 4.40 13.68
C TRP A 111 2.87 3.28 12.94
N GLU A 112 2.70 3.19 11.62
CA GLU A 112 3.28 2.14 10.76
C GLU A 112 4.74 1.83 11.14
N PRO A 113 5.70 2.76 10.99
CA PRO A 113 7.10 2.50 11.32
C PRO A 113 7.30 1.93 12.72
N ARG A 114 6.61 2.48 13.71
CA ARG A 114 6.73 2.03 15.12
C ARG A 114 6.25 0.59 15.24
N ILE A 115 5.13 0.26 14.59
CA ILE A 115 4.57 -1.11 14.66
C ILE A 115 5.52 -2.08 13.95
N ARG A 116 6.16 -1.63 12.87
CA ARG A 116 7.14 -2.46 12.12
C ARG A 116 8.27 -2.87 13.07
N VAL A 117 8.76 -1.96 13.89
CA VAL A 117 9.89 -2.22 14.84
C VAL A 117 9.44 -3.24 15.90
N LEU A 118 8.28 -3.03 16.51
CA LEU A 118 7.76 -3.98 17.53
C LEU A 118 7.64 -5.37 16.90
N THR A 119 7.06 -5.44 15.70
CA THR A 119 6.85 -6.72 14.98
C THR A 119 8.19 -7.42 14.75
N ASP A 120 9.16 -6.73 14.16
CA ASP A 120 10.50 -7.33 13.89
C ASP A 120 11.12 -7.83 15.19
N GLU A 121 11.04 -7.05 16.27
CA GLU A 121 11.61 -7.48 17.56
C GLU A 121 10.95 -8.79 18.01
N LEU A 122 9.63 -8.87 17.90
CA LEU A 122 8.86 -10.07 18.32
C LEU A 122 9.27 -11.28 17.48
N LEU A 123 9.19 -11.17 16.15
CA LEU A 123 9.54 -12.29 15.24
C LEU A 123 11.01 -12.67 15.43
N GLY A 124 11.90 -11.69 15.63
CA GLY A 124 13.34 -11.91 15.82
C GLY A 124 13.68 -12.86 16.95
N LYS A 125 12.89 -12.85 18.04
CA LYS A 125 13.11 -13.72 19.23
C LYS A 125 12.93 -15.21 18.88
N ALA A 126 12.14 -15.55 17.84
CA ALA A 126 11.92 -16.96 17.44
C ALA A 126 12.92 -17.39 16.35
N ARG A 127 14.03 -16.67 16.21
CA ARG A 127 15.07 -17.06 15.22
C ARG A 127 16.02 -18.04 15.88
N GLY A 128 16.26 -19.18 15.24
CA GLY A 128 17.14 -20.25 15.75
C GLY A 128 16.35 -21.50 16.06
N ARG A 129 15.09 -21.53 15.63
CA ARG A 129 14.21 -22.71 15.86
C ARG A 129 13.57 -23.12 14.53
N ASP A 130 13.18 -24.39 14.43
CA ASP A 130 12.50 -24.91 13.20
C ASP A 130 11.03 -25.16 13.52
N GLU A 131 10.66 -25.06 14.79
CA GLU A 131 9.25 -25.21 15.22
C GLU A 131 8.89 -24.01 16.09
N ILE A 132 7.75 -23.37 15.81
CA ILE A 132 7.31 -22.22 16.63
C ILE A 132 5.82 -22.40 16.92
N ASP A 133 5.34 -21.71 17.95
CA ASP A 133 3.90 -21.69 18.28
C ASP A 133 3.44 -20.27 17.93
N LEU A 134 2.78 -20.11 16.78
CA LEU A 134 2.36 -18.78 16.29
C LEU A 134 1.64 -17.96 17.36
N VAL A 135 0.70 -18.58 18.09
CA VAL A 135 -0.04 -17.86 19.17
C VAL A 135 0.91 -17.34 20.24
N GLN A 136 1.54 -18.21 21.01
CA GLN A 136 2.39 -17.78 22.15
C GLN A 136 3.64 -17.04 21.68
N ASP A 137 4.15 -17.32 20.49
CA ASP A 137 5.41 -16.66 20.06
C ASP A 137 5.15 -15.41 19.22
N PHE A 138 3.91 -15.18 18.76
CA PHE A 138 3.75 -14.00 17.87
C PHE A 138 2.35 -13.39 17.92
N SER A 139 1.36 -14.11 17.43
CA SER A 139 -0.02 -13.56 17.29
C SER A 139 -0.63 -13.10 18.61
N TYR A 140 -0.36 -13.75 19.74
CA TYR A 140 -1.00 -13.30 21.01
C TYR A 140 -0.32 -12.04 21.55
N PRO A 141 1.02 -12.03 21.73
CA PRO A 141 1.72 -10.87 22.27
C PRO A 141 1.76 -9.59 21.43
N LEU A 142 1.72 -9.70 20.10
CA LEU A 142 1.83 -8.51 19.21
C LEU A 142 0.78 -7.44 19.51
N PRO A 143 -0.53 -7.70 19.41
CA PRO A 143 -1.56 -6.69 19.66
C PRO A 143 -1.43 -6.05 21.05
N VAL A 144 -1.11 -6.85 22.07
CA VAL A 144 -0.93 -6.26 23.43
C VAL A 144 0.24 -5.28 23.36
N MET A 145 1.36 -5.70 22.77
CA MET A 145 2.57 -4.84 22.67
C MET A 145 2.25 -3.59 21.86
N VAL A 146 1.49 -3.71 20.78
CA VAL A 146 1.17 -2.53 19.91
C VAL A 146 0.26 -1.55 20.66
N ILE A 147 -0.86 -2.03 21.21
CA ILE A 147 -1.79 -1.12 21.92
C ILE A 147 -1.10 -0.50 23.14
N SER A 148 -0.25 -1.25 23.83
CA SER A 148 0.51 -0.74 25.00
C SER A 148 1.37 0.44 24.54
N GLU A 149 2.05 0.28 23.41
CA GLU A 149 2.94 1.31 22.84
C GLU A 149 2.11 2.52 22.38
N LEU A 150 0.96 2.29 21.75
CA LEU A 150 0.12 3.39 21.22
C LEU A 150 -0.58 4.13 22.38
N LEU A 151 -0.78 3.46 23.52
CA LEU A 151 -1.45 4.08 24.68
C LEU A 151 -0.46 4.88 25.54
N GLY A 152 0.83 4.88 25.18
CA GLY A 152 1.85 5.64 25.92
C GLY A 152 2.26 4.95 27.20
N VAL A 153 2.04 3.64 27.28
CA VAL A 153 2.43 2.88 28.51
C VAL A 153 3.96 2.87 28.59
N PRO A 154 4.57 3.41 29.66
CA PRO A 154 6.02 3.41 29.80
C PRO A 154 6.53 1.97 29.89
N SER A 155 7.75 1.73 29.41
CA SER A 155 8.40 0.39 29.39
C SER A 155 8.54 -0.21 30.80
N GLU A 156 8.74 0.62 31.83
CA GLU A 156 8.85 0.17 33.24
C GLU A 156 7.53 -0.44 33.73
N HIS A 157 6.38 -0.01 33.19
CA HIS A 157 5.06 -0.52 33.60
C HIS A 157 4.47 -1.45 32.53
N LYS A 158 5.23 -1.81 31.50
CA LYS A 158 4.67 -2.65 30.41
C LYS A 158 4.34 -4.06 30.94
N GLU A 159 5.21 -4.64 31.78
CA GLU A 159 4.95 -6.01 32.28
C GLU A 159 3.66 -6.04 33.09
N LYS A 160 3.45 -5.06 33.96
CA LYS A 160 2.24 -4.99 34.82
C LYS A 160 1.01 -4.71 33.94
N PHE A 161 1.18 -3.94 32.87
CA PHE A 161 0.06 -3.62 31.96
C PHE A 161 -0.43 -4.89 31.27
N LYS A 162 0.50 -5.74 30.84
CA LYS A 162 0.18 -7.01 30.16
C LYS A 162 -0.67 -7.89 31.08
N GLU A 163 -0.33 -7.95 32.37
CA GLU A 163 -1.09 -8.74 33.35
C GLU A 163 -2.54 -8.24 33.37
N TRP A 164 -2.70 -6.93 33.58
CA TRP A 164 -4.05 -6.29 33.65
C TRP A 164 -4.84 -6.63 32.38
N SER A 165 -4.21 -6.46 31.23
CA SER A 165 -4.88 -6.75 29.94
C SER A 165 -5.33 -8.22 29.95
N ASP A 166 -4.45 -9.14 30.35
CA ASP A 166 -4.78 -10.59 30.38
C ASP A 166 -6.03 -10.81 31.24
N LEU A 167 -6.08 -10.18 32.41
CA LEU A 167 -7.25 -10.31 33.32
C LEU A 167 -8.50 -9.76 32.63
N LEU A 168 -8.37 -8.64 31.93
CA LEU A 168 -9.52 -7.98 31.26
C LEU A 168 -10.16 -8.90 30.22
N VAL A 169 -9.36 -9.57 29.40
CA VAL A 169 -9.90 -10.46 28.33
C VAL A 169 -9.99 -11.91 28.83
N SER A 170 -9.81 -12.12 30.13
CA SER A 170 -9.86 -13.50 30.69
C SER A 170 -11.31 -13.98 30.84
N LEU A 171 -11.50 -15.30 30.87
CA LEU A 171 -12.82 -15.93 31.05
C LEU A 171 -12.72 -16.94 32.19
N PRO A 172 -13.82 -17.30 32.88
CA PRO A 172 -13.76 -18.25 33.99
C PRO A 172 -13.41 -19.66 33.53
N LYS A 173 -12.82 -20.45 34.43
CA LYS A 173 -12.42 -21.86 34.16
C LYS A 173 -13.63 -22.63 33.62
N SER A 174 -14.77 -22.50 34.29
CA SER A 174 -16.00 -23.24 33.90
C SER A 174 -17.23 -22.37 34.18
N ALA A 175 -18.41 -22.98 34.03
CA ALA A 175 -19.70 -22.29 34.31
C ALA A 175 -20.07 -22.52 35.78
N TYR A 176 -19.29 -23.34 36.49
CA TYR A 176 -19.52 -23.59 37.94
C TYR A 176 -19.53 -22.23 38.65
N GLU A 177 -20.61 -21.92 39.36
CA GLU A 177 -20.78 -20.60 40.04
C GLU A 177 -19.60 -20.26 40.96
N GLU A 178 -19.06 -21.24 41.70
CA GLU A 178 -17.89 -20.97 42.56
C GLU A 178 -16.71 -20.51 41.68
N ASP A 179 -16.52 -21.17 40.53
CA ASP A 179 -15.42 -20.81 39.59
C ASP A 179 -15.71 -19.42 39.02
N VAL A 180 -16.97 -19.13 38.71
CA VAL A 180 -17.35 -17.82 38.13
C VAL A 180 -17.13 -16.71 39.16
N MET A 181 -17.50 -16.96 40.42
CA MET A 181 -17.36 -15.92 41.48
C MET A 181 -15.88 -15.70 41.80
N GLU A 182 -15.07 -16.75 41.76
CA GLU A 182 -13.62 -16.60 42.05
C GLU A 182 -12.99 -15.74 40.96
N TRP A 183 -13.42 -15.96 39.72
CA TRP A 183 -12.90 -15.24 38.53
C TRP A 183 -13.33 -13.77 38.57
N ARG A 184 -14.61 -13.51 38.86
CA ARG A 184 -15.14 -12.12 38.91
C ARG A 184 -14.33 -11.30 39.89
N THR A 185 -14.06 -11.84 41.09
CA THR A 185 -13.29 -11.10 42.12
C THR A 185 -11.92 -10.69 41.57
N ILE A 186 -11.20 -11.64 40.97
CA ILE A 186 -9.84 -11.35 40.43
C ILE A 186 -9.97 -10.38 39.24
N ARG A 187 -10.95 -10.59 38.38
CA ARG A 187 -11.13 -9.73 37.17
C ARG A 187 -11.62 -8.34 37.57
N ASN A 188 -12.46 -8.24 38.61
CA ASN A 188 -12.97 -6.91 39.02
C ASN A 188 -11.81 -6.10 39.64
N LYS A 189 -10.87 -6.76 40.31
CA LYS A 189 -9.74 -6.01 40.90
C LYS A 189 -8.79 -5.57 39.77
N GLY A 190 -8.63 -6.41 38.76
CA GLY A 190 -7.78 -6.06 37.61
C GLY A 190 -8.37 -4.86 36.89
N GLU A 191 -9.67 -4.88 36.66
CA GLU A 191 -10.37 -3.76 35.98
C GLU A 191 -10.20 -2.48 36.79
N GLU A 192 -10.36 -2.57 38.11
CA GLU A 192 -10.25 -1.40 39.03
C GLU A 192 -8.83 -0.83 38.97
N ASP A 193 -7.82 -1.69 39.06
CA ASP A 193 -6.40 -1.23 39.02
C ASP A 193 -6.06 -0.69 37.63
N LEU A 194 -6.54 -1.36 36.58
CA LEU A 194 -6.26 -0.90 35.19
C LEU A 194 -6.93 0.46 34.99
N SER A 195 -8.21 0.57 35.37
CA SER A 195 -8.96 1.85 35.23
C SER A 195 -8.21 2.96 35.99
N ALA A 196 -7.78 2.67 37.21
CA ALA A 196 -7.04 3.65 38.04
C ALA A 196 -5.73 4.02 37.33
N PHE A 197 -5.06 3.04 36.74
CA PHE A 197 -3.79 3.33 36.03
C PHE A 197 -4.05 4.32 34.89
N PHE A 198 -5.09 4.07 34.10
CA PHE A 198 -5.46 4.96 32.97
C PHE A 198 -5.84 6.34 33.52
N GLU A 199 -6.57 6.37 34.64
CA GLU A 199 -7.01 7.63 35.28
C GLU A 199 -5.79 8.52 35.52
N ASN A 200 -4.73 7.96 36.10
CA ASN A 200 -3.50 8.71 36.41
C ASN A 200 -2.76 9.07 35.13
N VAL A 201 -2.68 8.15 34.17
CA VAL A 201 -1.96 8.45 32.90
C VAL A 201 -2.62 9.65 32.23
N ILE A 202 -3.95 9.65 32.15
CA ILE A 202 -4.71 10.77 31.50
C ILE A 202 -4.30 12.11 32.14
N GLU A 203 -4.29 12.17 33.47
CA GLU A 203 -3.94 13.42 34.19
C GLU A 203 -2.48 13.79 33.92
N GLU A 204 -1.58 12.80 33.89
CA GLU A 204 -0.15 13.07 33.64
C GLU A 204 0.03 13.57 32.20
N LYS A 205 -0.74 13.02 31.26
CA LYS A 205 -0.63 13.41 29.83
C LYS A 205 -1.23 14.80 29.61
N ARG A 206 -2.14 15.24 30.47
CA ARG A 206 -2.75 16.59 30.35
C ARG A 206 -1.66 17.67 30.43
N ARG A 207 -0.69 17.49 31.33
CA ARG A 207 0.39 18.49 31.55
C ARG A 207 1.62 18.18 30.69
N ASN A 208 1.65 17.01 30.05
CA ASN A 208 2.82 16.64 29.20
C ASN A 208 2.30 15.82 28.02
N LEU A 209 1.59 16.48 27.10
CA LEU A 209 0.97 15.82 25.93
C LEU A 209 2.04 15.20 25.03
N GLY A 210 1.71 14.06 24.43
CA GLY A 210 2.62 13.35 23.50
C GLY A 210 1.89 12.95 22.24
N ASP A 211 2.37 11.92 21.54
CA ASP A 211 1.67 11.47 20.31
C ASP A 211 0.85 10.22 20.65
N ASP A 212 0.85 9.79 21.90
CA ASP A 212 0.05 8.59 22.31
C ASP A 212 -1.45 8.86 22.16
N ILE A 213 -2.22 7.79 21.99
CA ILE A 213 -3.71 7.85 21.81
C ILE A 213 -4.35 8.66 22.94
N ILE A 214 -3.94 8.43 24.19
CA ILE A 214 -4.53 9.19 25.33
C ILE A 214 -4.33 10.69 25.10
N SER A 215 -3.12 11.09 24.70
CA SER A 215 -2.82 12.52 24.42
C SER A 215 -3.72 13.03 23.30
N LEU A 216 -3.91 12.21 22.26
CA LEU A 216 -4.76 12.60 21.10
C LEU A 216 -6.21 12.78 21.55
N LEU A 217 -6.71 11.86 22.39
CA LEU A 217 -8.12 11.91 22.84
C LEU A 217 -8.34 13.11 23.77
N ILE A 218 -7.31 13.52 24.52
CA ILE A 218 -7.46 14.68 25.44
C ILE A 218 -7.63 15.96 24.61
N GLN A 219 -6.93 16.03 23.47
CA GLN A 219 -6.95 17.23 22.60
C GLN A 219 -8.13 17.18 21.63
N ALA A 220 -8.66 16.00 21.35
CA ALA A 220 -9.79 15.88 20.41
C ALA A 220 -10.98 16.71 20.92
N GLU A 221 -11.63 17.44 20.01
CA GLU A 221 -12.78 18.27 20.40
C GLU A 221 -13.72 18.42 19.20
N GLU A 222 -15.02 18.32 19.46
CA GLU A 222 -16.08 18.49 18.43
C GLU A 222 -16.87 19.73 18.85
N ASP A 223 -16.47 20.91 18.36
CA ASP A 223 -17.10 22.22 18.69
C ASP A 223 -17.02 22.44 20.20
N GLY A 224 -15.88 22.12 20.82
CA GLY A 224 -15.68 22.33 22.26
C GLY A 224 -16.07 21.13 23.09
N ASP A 225 -16.74 20.15 22.48
CA ASP A 225 -17.18 18.94 23.21
C ASP A 225 -16.03 17.94 23.29
N ARG A 226 -15.60 17.62 24.51
CA ARG A 226 -14.47 16.68 24.72
C ARG A 226 -14.94 15.50 25.56
N LEU A 227 -14.23 14.39 25.48
CA LEU A 227 -14.56 13.22 26.31
C LEU A 227 -14.18 13.55 27.75
N SER A 228 -14.99 13.14 28.71
CA SER A 228 -14.65 13.36 30.14
C SER A 228 -13.79 12.18 30.62
N PRO A 229 -13.24 12.22 31.85
CA PRO A 229 -12.49 11.09 32.39
C PRO A 229 -13.36 9.83 32.53
N ASP A 230 -14.66 9.99 32.80
CA ASP A 230 -15.63 8.86 32.92
C ASP A 230 -15.86 8.17 31.57
N GLU A 231 -15.62 8.85 30.45
CA GLU A 231 -15.83 8.22 29.12
C GLU A 231 -14.47 7.78 28.56
N LEU A 232 -13.40 8.48 28.93
CA LEU A 232 -12.03 8.22 28.44
C LEU A 232 -11.52 6.87 28.96
N VAL A 233 -11.59 6.64 30.28
CA VAL A 233 -11.05 5.39 30.88
C VAL A 233 -11.73 4.15 30.27
N PRO A 234 -13.07 4.05 30.24
CA PRO A 234 -13.75 2.91 29.61
C PRO A 234 -13.39 2.74 28.13
N PHE A 235 -13.19 3.84 27.40
CA PHE A 235 -12.80 3.71 25.98
C PHE A 235 -11.42 3.05 25.89
N CYS A 236 -10.51 3.42 26.78
CA CYS A 236 -9.15 2.81 26.77
C CYS A 236 -9.28 1.30 27.04
N ASN A 237 -10.12 0.92 28.00
CA ASN A 237 -10.34 -0.52 28.32
C ASN A 237 -10.94 -1.21 27.09
N LEU A 238 -11.88 -0.55 26.42
CA LEU A 238 -12.55 -1.12 25.21
C LEU A 238 -11.51 -1.44 24.13
N LEU A 239 -10.52 -0.57 23.95
CA LEU A 239 -9.45 -0.83 22.93
C LEU A 239 -8.80 -2.19 23.22
N LEU A 240 -8.47 -2.47 24.48
CA LEU A 240 -7.86 -3.77 24.84
C LEU A 240 -8.90 -4.88 24.60
N LEU A 241 -10.09 -4.71 25.17
CA LEU A 241 -11.19 -5.69 25.08
C LEU A 241 -11.55 -6.01 23.62
N ALA A 242 -11.66 -4.99 22.76
CA ALA A 242 -12.12 -5.23 21.37
C ALA A 242 -10.97 -5.41 20.37
N GLY A 243 -9.72 -5.12 20.74
CA GLY A 243 -8.65 -5.23 19.75
C GLY A 243 -7.60 -6.29 20.03
N ASN A 244 -7.44 -6.71 21.29
CA ASN A 244 -6.38 -7.69 21.64
C ASN A 244 -6.59 -9.05 20.95
N GLU A 245 -7.62 -9.79 21.36
CA GLU A 245 -7.86 -11.16 20.84
C GLU A 245 -8.35 -11.16 19.39
N THR A 246 -9.12 -10.16 18.97
CA THR A 246 -9.60 -10.12 17.57
C THR A 246 -8.38 -10.11 16.63
N THR A 247 -7.45 -9.19 16.88
CA THR A 247 -6.23 -9.07 16.04
C THR A 247 -5.42 -10.37 16.13
N THR A 248 -5.21 -10.86 17.36
CA THR A 248 -4.46 -12.11 17.59
C THR A 248 -5.06 -13.23 16.74
N ASN A 249 -6.37 -13.42 16.84
CA ASN A 249 -7.05 -14.50 16.08
C ASN A 249 -7.00 -14.20 14.59
N LEU A 250 -7.21 -12.96 14.17
CA LEU A 250 -7.16 -12.61 12.73
C LEU A 250 -5.81 -13.06 12.15
N ILE A 251 -4.71 -12.73 12.82
CA ILE A 251 -3.35 -13.13 12.34
C ILE A 251 -3.31 -14.66 12.27
N SER A 252 -3.64 -15.32 13.37
CA SER A 252 -3.63 -16.81 13.46
C SER A 252 -4.49 -17.41 12.34
N ASN A 253 -5.75 -16.97 12.25
CA ASN A 253 -6.70 -17.51 11.24
C ASN A 253 -6.18 -17.23 9.83
N MET A 254 -5.58 -16.06 9.60
CA MET A 254 -5.09 -15.70 8.25
C MET A 254 -3.95 -16.64 7.85
N VAL A 255 -2.98 -16.83 8.75
CA VAL A 255 -1.82 -17.72 8.46
C VAL A 255 -2.32 -19.15 8.22
N TYR A 256 -3.28 -19.61 9.02
CA TYR A 256 -3.83 -20.97 8.86
C TYR A 256 -4.50 -21.09 7.49
N SER A 257 -5.27 -20.07 7.10
CA SER A 257 -5.98 -20.07 5.79
C SER A 257 -4.96 -20.06 4.65
N ILE A 258 -3.86 -19.34 4.83
CA ILE A 258 -2.81 -19.22 3.79
C ILE A 258 -2.12 -20.57 3.56
N LEU A 259 -1.71 -21.23 4.64
CA LEU A 259 -1.01 -22.54 4.58
C LEU A 259 -1.96 -23.67 4.17
N GLU A 260 -3.26 -23.48 4.39
CA GLU A 260 -4.32 -24.46 4.02
C GLU A 260 -4.42 -24.57 2.50
N LYS A 261 -4.12 -23.49 1.77
CA LYS A 261 -4.20 -23.48 0.29
C LYS A 261 -2.79 -23.44 -0.32
N PRO A 262 -2.25 -24.58 -0.77
CA PRO A 262 -0.89 -24.63 -1.34
C PRO A 262 -0.57 -23.54 -2.37
N GLY A 263 0.64 -22.97 -2.28
CA GLY A 263 1.12 -21.94 -3.21
C GLY A 263 0.84 -20.52 -2.75
N THR A 264 -0.18 -20.34 -1.90
CA THR A 264 -0.59 -19.00 -1.42
C THR A 264 0.56 -18.30 -0.68
N PHE A 265 1.21 -19.00 0.25
CA PHE A 265 2.31 -18.39 1.03
C PHE A 265 3.36 -17.81 0.06
N ASP A 266 3.78 -18.60 -0.92
CA ASP A 266 4.78 -18.16 -1.92
C ASP A 266 4.21 -17.01 -2.75
N GLU A 267 2.96 -17.13 -3.18
CA GLU A 267 2.30 -16.09 -4.01
C GLU A 267 2.38 -14.75 -3.28
N LEU A 268 2.04 -14.72 -1.99
CA LEU A 268 2.06 -13.46 -1.20
C LEU A 268 3.50 -12.98 -0.99
N ALA A 269 4.44 -13.90 -0.79
CA ALA A 269 5.84 -13.50 -0.55
C ALA A 269 6.43 -12.88 -1.83
N ASN A 270 6.07 -13.42 -2.99
CA ASN A 270 6.61 -12.92 -4.28
C ASN A 270 5.92 -11.62 -4.69
N GLN A 271 4.63 -11.47 -4.37
CA GLN A 271 3.88 -10.24 -4.70
C GLN A 271 3.28 -9.67 -3.40
N PRO A 272 4.08 -9.02 -2.53
CA PRO A 272 3.63 -8.50 -1.24
C PRO A 272 2.46 -7.50 -1.19
N ASP A 273 2.08 -6.90 -2.32
CA ASP A 273 0.97 -5.90 -2.36
C ASP A 273 -0.42 -6.57 -2.37
N LEU A 274 -0.49 -7.91 -2.41
CA LEU A 274 -1.75 -8.69 -2.36
C LEU A 274 -2.11 -8.94 -0.90
N ILE A 275 -1.21 -8.62 0.03
CA ILE A 275 -1.41 -8.89 1.48
C ILE A 275 -2.68 -8.21 2.01
N PRO A 276 -2.90 -6.90 1.79
CA PRO A 276 -4.11 -6.24 2.28
C PRO A 276 -5.38 -6.95 1.80
N GLN A 277 -5.41 -7.32 0.52
CA GLN A 277 -6.56 -8.06 -0.06
C GLN A 277 -6.69 -9.39 0.67
N ALA A 278 -5.56 -10.07 0.90
CA ALA A 278 -5.57 -11.37 1.61
C ALA A 278 -6.08 -11.17 3.03
N VAL A 279 -5.68 -10.07 3.68
CA VAL A 279 -6.16 -9.74 5.06
C VAL A 279 -7.69 -9.61 5.04
N GLU A 280 -8.25 -8.96 4.02
CA GLU A 280 -9.72 -8.78 3.90
C GLU A 280 -10.36 -10.14 3.64
N GLU A 281 -9.71 -10.98 2.84
CA GLU A 281 -10.24 -12.34 2.56
C GLU A 281 -10.14 -13.19 3.82
N ALA A 282 -9.10 -12.96 4.63
CA ALA A 282 -8.93 -13.68 5.92
C ALA A 282 -10.09 -13.31 6.85
N VAL A 283 -10.47 -12.03 6.86
CA VAL A 283 -11.60 -11.58 7.72
C VAL A 283 -12.90 -12.20 7.18
N ARG A 284 -13.03 -12.36 5.87
CA ARG A 284 -14.24 -12.99 5.31
C ARG A 284 -14.18 -14.50 5.55
N PHE A 285 -13.04 -15.13 5.26
CA PHE A 285 -12.94 -16.61 5.38
C PHE A 285 -13.02 -17.08 6.84
N ARG A 286 -12.16 -16.54 7.70
CA ARG A 286 -12.14 -16.98 9.12
C ARG A 286 -12.25 -15.77 10.03
N ALA A 287 -13.44 -15.14 10.05
CA ALA A 287 -13.68 -13.95 10.89
C ALA A 287 -13.35 -14.26 12.34
N PRO A 288 -12.46 -13.50 13.01
CA PRO A 288 -12.18 -13.73 14.41
C PRO A 288 -13.42 -13.48 15.27
N ALA A 289 -14.30 -12.55 14.91
CA ALA A 289 -15.54 -12.30 15.68
C ALA A 289 -16.72 -12.90 14.90
N PRO A 290 -17.09 -14.17 15.14
CA PRO A 290 -18.16 -14.82 14.38
C PRO A 290 -19.56 -14.22 14.53
N MET A 291 -19.92 -13.69 15.70
CA MET A 291 -21.29 -13.16 15.83
C MET A 291 -21.30 -11.81 16.55
N ILE A 292 -22.32 -11.01 16.24
CA ILE A 292 -22.54 -9.67 16.87
C ILE A 292 -23.92 -9.73 17.52
N VAL A 293 -24.14 -8.95 18.59
CA VAL A 293 -25.44 -9.03 19.30
C VAL A 293 -26.22 -7.73 19.14
N ARG A 294 -27.54 -7.85 18.94
CA ARG A 294 -28.47 -6.71 18.81
C ARG A 294 -29.74 -7.07 19.59
N PHE A 295 -30.53 -6.05 19.93
CA PHE A 295 -31.82 -6.27 20.65
C PHE A 295 -32.92 -5.58 19.85
N VAL A 296 -34.01 -6.31 19.57
CA VAL A 296 -35.12 -5.73 18.77
C VAL A 296 -35.60 -4.44 19.46
N GLN A 297 -35.71 -3.38 18.67
CA GLN A 297 -36.14 -2.05 19.22
C GLN A 297 -37.64 -1.85 18.97
N GLN A 298 -38.12 -2.30 17.82
CA GLN A 298 -39.56 -2.21 17.48
C GLN A 298 -39.98 -3.47 16.72
N ASP A 299 -41.26 -3.81 16.77
CA ASP A 299 -41.78 -5.02 16.08
C ASP A 299 -41.38 -5.00 14.60
N THR A 300 -40.90 -6.13 14.09
CA THR A 300 -40.49 -6.23 12.67
C THR A 300 -40.48 -7.70 12.26
N ALA A 301 -40.13 -7.97 11.01
CA ALA A 301 -40.09 -9.37 10.52
C ALA A 301 -38.84 -9.59 9.68
N ILE A 302 -38.42 -10.85 9.54
CA ILE A 302 -37.24 -11.23 8.71
C ILE A 302 -37.53 -12.58 8.05
N ARG A 303 -37.69 -12.60 6.73
CA ARG A 303 -37.90 -13.85 5.94
C ARG A 303 -39.12 -14.65 6.43
N GLY A 304 -40.28 -14.00 6.58
CA GLY A 304 -41.54 -14.65 6.96
C GLY A 304 -41.67 -14.92 8.45
N VAL A 305 -40.71 -14.49 9.25
CA VAL A 305 -40.75 -14.75 10.72
C VAL A 305 -40.78 -13.41 11.45
N ASN A 306 -41.65 -13.28 12.45
CA ASN A 306 -41.80 -12.00 13.19
C ASN A 306 -40.90 -11.97 14.43
N LEU A 307 -40.29 -10.82 14.68
CA LEU A 307 -39.44 -10.60 15.89
C LEU A 307 -40.10 -9.49 16.70
N LYS A 308 -40.36 -9.74 17.98
CA LYS A 308 -41.02 -8.74 18.86
C LYS A 308 -39.95 -7.91 19.57
N LYS A 309 -40.22 -6.62 19.76
CA LYS A 309 -39.28 -5.68 20.43
C LYS A 309 -38.86 -6.24 21.78
N GLY A 310 -37.55 -6.21 22.06
CA GLY A 310 -37.00 -6.69 23.35
C GLY A 310 -36.23 -8.00 23.20
N GLU A 311 -36.59 -8.79 22.19
CA GLU A 311 -35.94 -10.10 21.97
C GLU A 311 -34.49 -9.91 21.53
N GLY A 312 -33.59 -10.76 22.00
CA GLY A 312 -32.16 -10.70 21.63
C GLY A 312 -31.94 -11.34 20.28
N VAL A 313 -31.06 -10.76 19.45
CA VAL A 313 -30.79 -11.31 18.11
C VAL A 313 -29.28 -11.54 17.99
N ILE A 314 -28.88 -12.67 17.44
CA ILE A 314 -27.43 -12.98 17.27
C ILE A 314 -27.14 -13.02 15.77
N ALA A 315 -26.51 -11.97 15.24
CA ALA A 315 -26.17 -11.91 13.81
C ALA A 315 -24.82 -12.60 13.58
N PHE A 316 -24.84 -13.76 12.93
CA PHE A 316 -23.60 -14.54 12.70
C PHE A 316 -22.84 -13.99 11.49
N LEU A 317 -21.88 -13.10 11.76
CA LEU A 317 -21.03 -12.50 10.71
C LEU A 317 -20.29 -13.62 9.98
N ALA A 318 -19.75 -14.59 10.73
CA ALA A 318 -19.01 -15.73 10.15
C ALA A 318 -19.87 -16.44 9.08
N SER A 319 -21.14 -16.69 9.38
CA SER A 319 -22.04 -17.38 8.42
C SER A 319 -22.37 -16.45 7.25
N ALA A 320 -22.55 -15.16 7.52
CA ALA A 320 -22.87 -14.16 6.47
C ALA A 320 -21.74 -14.05 5.46
N ASN A 321 -20.49 -14.20 5.91
CA ASN A 321 -19.29 -14.12 5.05
C ASN A 321 -19.08 -15.43 4.27
N ARG A 322 -19.81 -16.49 4.60
CA ARG A 322 -19.69 -17.80 3.89
C ARG A 322 -20.97 -18.01 3.06
N ASP A 323 -21.87 -17.04 3.07
CA ASP A 323 -23.15 -17.13 2.32
C ASP A 323 -22.85 -17.25 0.83
N GLU A 324 -23.38 -18.30 0.19
CA GLU A 324 -23.19 -18.60 -1.25
C GLU A 324 -24.00 -17.63 -2.12
N ALA A 325 -25.02 -16.97 -1.55
CA ALA A 325 -25.86 -16.00 -2.27
C ALA A 325 -25.22 -14.60 -2.22
N ALA A 326 -24.13 -14.46 -1.47
CA ALA A 326 -23.46 -13.13 -1.38
C ALA A 326 -22.09 -13.20 -2.04
N PHE A 327 -21.41 -14.34 -1.93
CA PHE A 327 -20.05 -14.48 -2.52
C PHE A 327 -20.00 -15.69 -3.44
N GLU A 328 -19.28 -15.54 -4.56
CA GLU A 328 -19.08 -16.65 -5.53
C GLU A 328 -17.99 -17.56 -4.95
N ARG A 329 -18.22 -18.87 -4.96
CA ARG A 329 -17.26 -19.86 -4.40
C ARG A 329 -16.92 -19.43 -2.97
N ALA A 330 -17.92 -19.18 -2.13
CA ALA A 330 -17.77 -18.67 -0.76
C ALA A 330 -16.89 -19.54 0.16
N HIS A 331 -16.82 -20.85 -0.08
CA HIS A 331 -16.02 -21.79 0.75
C HIS A 331 -14.56 -21.87 0.30
N GLU A 332 -14.12 -21.00 -0.61
CA GLU A 332 -12.71 -21.02 -1.10
C GLU A 332 -11.99 -19.74 -0.67
N PHE A 333 -10.78 -19.87 -0.13
CA PHE A 333 -9.94 -18.74 0.25
C PHE A 333 -9.31 -18.15 -1.01
N ASP A 334 -9.80 -16.99 -1.42
CA ASP A 334 -9.37 -16.32 -2.66
C ASP A 334 -8.74 -14.98 -2.30
N ILE A 335 -7.40 -14.93 -2.28
CA ILE A 335 -6.71 -13.68 -1.97
C ILE A 335 -6.84 -12.65 -3.07
N HIS A 336 -7.42 -13.00 -4.21
CA HIS A 336 -7.59 -12.07 -5.33
C HIS A 336 -8.95 -11.40 -5.35
N ARG A 337 -9.81 -11.67 -4.37
CA ARG A 337 -11.11 -11.02 -4.33
C ARG A 337 -10.95 -9.53 -4.02
N HIS A 338 -11.40 -8.69 -4.93
CA HIS A 338 -11.40 -7.26 -4.73
C HIS A 338 -12.46 -6.64 -5.63
N PRO A 339 -13.32 -5.75 -5.10
CA PRO A 339 -13.56 -5.41 -3.69
C PRO A 339 -14.15 -6.59 -2.90
N ASN A 340 -13.81 -6.68 -1.61
CA ASN A 340 -14.31 -7.71 -0.72
C ASN A 340 -15.45 -7.16 0.14
N ARG A 341 -16.68 -7.60 -0.12
CA ARG A 341 -17.86 -7.10 0.59
C ARG A 341 -18.19 -7.94 1.82
N HIS A 342 -17.20 -8.48 2.52
CA HIS A 342 -17.51 -9.15 3.77
C HIS A 342 -18.02 -8.12 4.77
N ILE A 343 -18.65 -8.61 5.83
CA ILE A 343 -19.10 -7.72 6.90
C ILE A 343 -18.45 -8.17 8.20
N GLY A 344 -17.22 -8.68 8.10
CA GLY A 344 -16.50 -9.17 9.25
C GLY A 344 -16.12 -8.08 10.24
N PHE A 345 -16.04 -6.83 9.80
CA PHE A 345 -15.85 -5.70 10.70
C PHE A 345 -17.18 -5.06 11.10
N GLY A 346 -18.30 -5.71 10.78
CA GLY A 346 -19.61 -5.12 10.99
C GLY A 346 -20.08 -4.33 9.78
N HIS A 347 -21.10 -3.52 10.03
CA HIS A 347 -21.66 -2.63 9.02
C HIS A 347 -22.55 -1.60 9.71
N GLY A 348 -22.40 -0.34 9.33
CA GLY A 348 -23.21 0.73 9.89
C GLY A 348 -22.44 1.64 10.83
N ILE A 349 -23.19 2.30 11.71
CA ILE A 349 -22.60 3.29 12.60
C ILE A 349 -21.63 2.67 13.59
N HIS A 350 -21.77 1.37 13.85
CA HIS A 350 -20.87 0.66 14.76
C HIS A 350 -19.73 -0.04 14.04
N PHE A 351 -19.53 0.25 12.75
CA PHE A 351 -18.43 -0.36 12.01
C PHE A 351 -17.14 -0.22 12.80
N CYS A 352 -16.42 -1.33 12.93
CA CYS A 352 -15.31 -1.44 13.87
C CYS A 352 -14.40 -0.22 13.78
N LEU A 353 -14.29 0.49 14.89
CA LEU A 353 -13.44 1.68 14.94
C LEU A 353 -11.97 1.33 14.70
N GLY A 354 -11.58 0.12 15.06
CA GLY A 354 -10.19 -0.28 14.98
C GLY A 354 -9.80 -0.99 13.71
N ALA A 355 -10.70 -1.10 12.74
CA ALA A 355 -10.38 -1.78 11.49
C ALA A 355 -9.11 -1.26 10.83
N PRO A 356 -8.89 0.06 10.69
CA PRO A 356 -7.60 0.52 10.14
C PRO A 356 -6.40 0.00 10.90
N LEU A 357 -6.47 -0.05 12.23
CA LEU A 357 -5.34 -0.56 13.00
C LEU A 357 -5.21 -2.06 12.85
N ALA A 358 -6.32 -2.79 12.88
CA ALA A 358 -6.27 -4.23 12.65
C ALA A 358 -5.70 -4.53 11.27
N ARG A 359 -6.14 -3.78 10.26
CA ARG A 359 -5.63 -4.00 8.90
C ARG A 359 -4.14 -3.71 8.82
N LEU A 360 -3.72 -2.58 9.39
CA LEU A 360 -2.30 -2.22 9.41
C LEU A 360 -1.49 -3.26 10.17
N GLU A 361 -1.92 -3.58 11.38
CA GLU A 361 -1.18 -4.50 12.25
C GLU A 361 -1.10 -5.89 11.63
N THR A 362 -2.18 -6.36 11.03
CA THR A 362 -2.19 -7.67 10.41
C THR A 362 -1.29 -7.70 9.17
N LYS A 363 -1.30 -6.62 8.37
CA LYS A 363 -0.42 -6.58 7.21
C LYS A 363 1.04 -6.69 7.63
N ILE A 364 1.46 -5.83 8.56
CA ILE A 364 2.86 -5.85 9.02
C ILE A 364 3.23 -7.22 9.54
N ALA A 365 2.35 -7.85 10.34
CA ALA A 365 2.65 -9.15 10.89
C ALA A 365 2.93 -10.15 9.78
N LEU A 366 2.08 -10.17 8.75
CA LEU A 366 2.26 -11.11 7.65
C LEU A 366 3.49 -10.76 6.80
N GLU A 367 3.77 -9.46 6.62
CA GLU A 367 4.98 -9.08 5.91
C GLU A 367 6.21 -9.61 6.63
N ALA A 368 6.25 -9.50 7.96
CA ALA A 368 7.39 -10.00 8.71
C ALA A 368 7.55 -11.50 8.55
N LEU A 369 6.44 -12.24 8.62
CA LEU A 369 6.49 -13.69 8.48
C LEU A 369 7.00 -14.09 7.09
N LEU A 370 6.46 -13.44 6.06
CA LEU A 370 6.82 -13.77 4.69
C LEU A 370 8.26 -13.38 4.35
N LYS A 371 8.89 -12.55 5.17
CA LYS A 371 10.30 -12.20 4.97
C LYS A 371 11.24 -13.06 5.81
N GLN A 372 10.85 -13.38 7.05
CA GLN A 372 11.72 -14.17 7.91
C GLN A 372 11.68 -15.66 7.59
N TYR A 373 10.66 -16.14 6.88
CA TYR A 373 10.54 -17.55 6.59
C TYR A 373 10.26 -17.77 5.10
N SER A 374 11.01 -18.68 4.50
CA SER A 374 10.75 -19.12 3.13
C SER A 374 9.74 -20.26 3.05
N ALA A 375 9.47 -20.93 4.15
CA ALA A 375 8.52 -22.03 4.15
C ALA A 375 7.97 -22.24 5.56
N MET A 376 6.69 -22.58 5.64
CA MET A 376 6.01 -22.84 6.91
C MET A 376 5.04 -23.98 6.70
N GLU A 377 4.93 -24.83 7.72
CA GLU A 377 4.08 -26.02 7.62
C GLU A 377 3.30 -26.19 8.92
N THR A 378 1.99 -26.34 8.79
CA THR A 378 1.10 -26.58 9.93
C THR A 378 1.41 -27.93 10.58
N ILE A 379 1.89 -27.90 11.82
CA ILE A 379 2.08 -29.13 12.59
C ILE A 379 0.74 -29.51 13.23
N SER A 380 0.28 -28.71 14.17
CA SER A 380 -0.94 -29.00 14.92
C SER A 380 -1.59 -27.69 15.35
N THR A 381 -2.91 -27.73 15.55
CA THR A 381 -3.66 -26.60 16.06
C THR A 381 -4.57 -27.04 17.20
N GLU A 382 -4.84 -26.11 18.12
CA GLU A 382 -5.80 -26.33 19.19
C GLU A 382 -6.72 -25.11 19.23
N PRO A 383 -8.02 -25.28 18.97
CA PRO A 383 -8.94 -24.13 18.97
C PRO A 383 -9.03 -23.42 20.32
N MET A 384 -9.16 -22.09 20.24
CA MET A 384 -9.45 -21.29 21.43
C MET A 384 -10.79 -21.74 22.01
N ALA A 385 -10.81 -22.01 23.31
CA ALA A 385 -12.07 -22.49 23.85
C ALA A 385 -13.13 -21.39 24.00
N ASN A 386 -12.81 -20.14 23.67
CA ASN A 386 -13.77 -19.05 23.84
C ASN A 386 -14.96 -19.23 22.89
N SER A 387 -16.13 -19.41 23.49
CA SER A 387 -17.40 -19.55 22.75
C SER A 387 -17.57 -18.50 21.67
N SER A 388 -17.58 -17.22 22.04
CA SER A 388 -17.93 -16.08 21.19
C SER A 388 -16.81 -15.63 20.25
N MET A 389 -15.83 -16.48 20.01
CA MET A 389 -14.59 -16.11 19.35
C MET A 389 -14.21 -17.27 18.43
N TYR A 390 -13.51 -16.94 17.34
CA TYR A 390 -13.04 -17.96 16.40
C TYR A 390 -11.55 -17.77 16.21
N GLY A 391 -10.77 -18.63 16.83
CA GLY A 391 -9.32 -18.53 16.77
C GLY A 391 -8.66 -19.79 17.30
N LEU A 392 -7.34 -19.70 17.50
CA LEU A 392 -6.52 -20.82 17.93
C LEU A 392 -5.87 -20.56 19.28
N LYS A 393 -5.86 -21.60 20.12
CA LYS A 393 -5.07 -21.55 21.35
C LYS A 393 -3.60 -21.78 21.04
N HIS A 394 -3.32 -22.70 20.14
CA HIS A 394 -1.96 -23.07 19.79
C HIS A 394 -1.91 -23.33 18.30
N PHE A 395 -0.80 -22.92 17.68
CA PHE A 395 -0.60 -23.06 16.24
C PHE A 395 0.85 -23.47 16.08
N ARG A 396 1.09 -24.78 16.19
CA ARG A 396 2.44 -25.32 16.07
C ARG A 396 2.84 -25.35 14.61
N LEU A 397 3.98 -24.76 14.28
CA LEU A 397 4.41 -24.60 12.90
C LEU A 397 5.82 -25.10 12.73
N HIS A 398 6.04 -25.89 11.68
CA HIS A 398 7.40 -26.21 11.23
C HIS A 398 7.82 -25.14 10.24
N VAL A 399 8.93 -24.45 10.53
CA VAL A 399 9.33 -23.28 9.77
C VAL A 399 10.79 -23.39 9.34
N LYS A 400 11.10 -22.75 8.21
CA LYS A 400 12.45 -22.69 7.65
C LYS A 400 12.81 -21.22 7.45
N GLU A 401 13.77 -20.72 8.22
CA GLU A 401 14.21 -19.34 8.07
C GLU A 401 14.85 -19.10 6.70
N ALA A 402 14.76 -17.86 6.24
CA ALA A 402 15.34 -17.46 4.97
C ALA A 402 16.85 -17.32 5.10
N ASP B 23 2.95 28.04 -23.58
CA ASP B 23 4.34 27.60 -23.47
C ASP B 23 4.48 26.17 -23.98
N PRO B 24 5.71 25.69 -24.13
CA PRO B 24 5.90 24.27 -24.49
C PRO B 24 5.43 23.31 -23.42
N TYR B 25 5.00 23.80 -22.26
CA TYR B 25 4.48 22.96 -21.19
C TYR B 25 2.98 22.72 -21.33
N ASP B 26 2.39 23.17 -22.43
CA ASP B 26 1.00 22.87 -22.78
C ASP B 26 0.94 22.41 -24.23
N PRO B 27 1.55 21.26 -24.55
CA PRO B 27 1.42 20.71 -25.91
C PRO B 27 0.10 20.01 -26.16
N PHE B 28 -0.74 19.88 -25.15
CA PHE B 28 -1.95 19.06 -25.26
C PHE B 28 -2.94 19.58 -26.31
N PRO B 29 -3.27 20.88 -26.39
CA PRO B 29 -4.09 21.35 -27.51
C PRO B 29 -3.59 20.88 -28.88
N TRP B 30 -2.27 20.84 -29.07
CA TRP B 30 -1.74 20.36 -30.34
C TRP B 30 -1.97 18.86 -30.50
N TYR B 31 -1.77 18.09 -29.44
CA TYR B 31 -2.09 16.67 -29.46
C TYR B 31 -3.54 16.44 -29.88
N GLU B 32 -4.47 17.20 -29.28
CA GLU B 32 -5.89 17.03 -29.62
C GLU B 32 -6.16 17.37 -31.09
N LYS B 33 -5.54 18.44 -31.58
CA LYS B 33 -5.67 18.79 -32.99
C LYS B 33 -5.27 17.63 -33.88
N MET B 34 -4.08 17.06 -33.65
CA MET B 34 -3.64 15.93 -34.44
C MET B 34 -4.54 14.72 -34.26
N ARG B 35 -5.07 14.53 -33.05
CA ARG B 35 -5.89 13.35 -32.78
C ARG B 35 -7.14 13.31 -33.64
N LYS B 36 -7.75 14.46 -33.93
CA LYS B 36 -8.93 14.54 -34.78
C LYS B 36 -8.60 14.88 -36.22
N GLU B 37 -7.67 15.82 -36.42
CA GLU B 37 -7.32 16.29 -37.79
C GLU B 37 -6.47 15.26 -38.54
N SER B 38 -5.33 14.87 -37.98
CA SER B 38 -4.43 13.88 -38.64
C SER B 38 -3.92 12.86 -37.62
N PRO B 39 -4.68 11.79 -37.32
CA PRO B 39 -4.26 10.80 -36.32
C PRO B 39 -2.95 10.09 -36.71
N VAL B 40 -2.78 9.78 -38.00
CA VAL B 40 -1.53 9.13 -38.50
C VAL B 40 -0.86 10.12 -39.46
N TYR B 41 0.02 10.96 -38.94
CA TYR B 41 0.66 12.01 -39.77
C TYR B 41 2.06 11.61 -40.21
N TYR B 42 2.39 11.92 -41.48
CA TYR B 42 3.72 11.69 -42.07
C TYR B 42 4.39 13.05 -42.27
N ASP B 43 5.56 13.26 -41.66
CA ASP B 43 6.27 14.54 -41.84
C ASP B 43 7.20 14.41 -43.04
N GLU B 44 6.74 14.82 -44.23
CA GLU B 44 7.49 14.72 -45.51
C GLU B 44 8.94 15.20 -45.34
N ASP B 45 9.14 16.38 -44.75
CA ASP B 45 10.51 16.94 -44.57
C ASP B 45 11.45 15.92 -43.93
N SER B 46 11.08 15.39 -42.76
CA SER B 46 11.95 14.44 -42.01
C SER B 46 11.65 12.99 -42.42
N LYS B 47 10.59 12.78 -43.20
CA LYS B 47 10.17 11.43 -43.68
C LYS B 47 9.97 10.48 -42.49
N VAL B 48 9.35 10.94 -41.41
CA VAL B 48 9.08 10.07 -40.23
C VAL B 48 7.59 10.16 -39.88
N TRP B 49 7.01 9.04 -39.44
CA TRP B 49 5.57 8.97 -39.11
C TRP B 49 5.30 9.36 -37.65
N SER B 50 4.04 9.69 -37.34
CA SER B 50 3.60 10.02 -35.99
C SER B 50 2.16 9.56 -35.82
N VAL B 51 1.90 8.83 -34.74
CA VAL B 51 0.56 8.34 -34.42
C VAL B 51 0.15 8.93 -33.07
N PHE B 52 -1.12 9.32 -32.97
CA PHE B 52 -1.63 10.02 -31.80
C PHE B 52 -2.81 9.34 -31.13
N LEU B 53 -3.54 8.48 -31.83
CA LEU B 53 -4.67 7.80 -31.23
C LEU B 53 -4.19 6.72 -30.27
N TYR B 54 -4.93 6.53 -29.17
CA TYR B 54 -4.55 5.57 -28.14
C TYR B 54 -4.31 4.18 -28.72
N ASP B 55 -5.29 3.66 -29.46
CA ASP B 55 -5.17 2.32 -30.01
C ASP B 55 -4.00 2.24 -31.00
N ASP B 56 -3.80 3.29 -31.81
CA ASP B 56 -2.70 3.30 -32.77
C ASP B 56 -1.36 3.32 -32.05
N VAL B 57 -1.21 4.22 -31.08
CA VAL B 57 0.02 4.28 -30.30
C VAL B 57 0.26 2.97 -29.58
N LYS B 58 -0.82 2.34 -29.09
CA LYS B 58 -0.68 1.08 -28.36
C LYS B 58 -0.09 -0.01 -29.24
N ARG B 59 -0.55 -0.14 -30.48
CA ARG B 59 -0.01 -1.19 -31.35
C ARG B 59 1.42 -0.89 -31.78
N VAL B 60 1.70 0.36 -32.14
CA VAL B 60 3.03 0.74 -32.62
C VAL B 60 4.11 0.34 -31.62
N ILE B 61 3.87 0.57 -30.33
CA ILE B 61 4.87 0.26 -29.32
C ILE B 61 4.82 -1.19 -28.85
N SER B 62 3.78 -1.95 -29.17
CA SER B 62 3.63 -3.31 -28.67
C SER B 62 3.77 -4.39 -29.74
N ASP B 63 3.28 -4.16 -30.96
CA ASP B 63 3.36 -5.20 -32.00
C ASP B 63 4.78 -5.29 -32.52
N LYS B 64 5.59 -6.09 -31.81
CA LYS B 64 7.02 -6.19 -32.14
C LYS B 64 7.25 -6.78 -33.52
N ASP B 65 6.32 -7.62 -34.00
CA ASP B 65 6.50 -8.26 -35.30
C ASP B 65 6.46 -7.26 -36.44
N PHE B 66 5.83 -6.10 -36.25
CA PHE B 66 5.76 -5.10 -37.30
C PHE B 66 6.49 -3.81 -36.98
N PHE B 67 6.75 -3.56 -35.70
CA PHE B 67 7.49 -2.33 -35.30
C PHE B 67 8.66 -2.72 -34.38
N SER B 68 9.88 -2.49 -34.85
CA SER B 68 11.10 -2.89 -34.10
C SER B 68 11.73 -1.70 -33.36
N ASN B 69 12.62 -2.00 -32.42
CA ASN B 69 13.33 -0.98 -31.61
C ASN B 69 14.74 -0.78 -32.17
N GLN B 70 15.12 -1.58 -33.17
CA GLN B 70 16.48 -1.50 -33.76
C GLN B 70 16.59 -0.29 -34.69
N PHE B 71 17.44 0.68 -34.35
CA PHE B 71 17.64 1.84 -35.24
C PHE B 71 18.60 1.41 -36.35
N PRO B 72 18.25 1.56 -37.64
CA PRO B 72 19.13 1.18 -38.74
C PRO B 72 20.15 2.27 -39.07
N GLN B 73 21.02 2.01 -40.04
CA GLN B 73 22.07 2.98 -40.47
C GLN B 73 21.65 3.62 -41.80
N PHE B 80 18.78 3.49 -27.59
CA PHE B 80 19.98 4.32 -27.77
C PHE B 80 21.24 3.52 -27.41
N ALA B 81 22.19 3.45 -28.35
CA ALA B 81 23.48 2.73 -28.22
C ALA B 81 23.29 1.21 -28.07
N LYS B 82 24.16 0.57 -27.28
CA LYS B 82 24.12 -0.90 -27.11
C LYS B 82 23.30 -1.30 -25.87
N THR B 83 22.22 -0.58 -25.59
CA THR B 83 21.34 -0.94 -24.44
C THR B 83 20.24 -1.88 -24.94
N MET B 84 19.31 -2.27 -24.07
CA MET B 84 18.22 -3.19 -24.51
C MET B 84 17.08 -2.39 -25.15
N VAL B 85 17.11 -1.06 -25.01
CA VAL B 85 16.06 -0.19 -25.62
C VAL B 85 16.20 -0.22 -27.14
N SER B 86 17.41 -0.51 -27.64
CA SER B 86 17.69 -0.57 -29.10
C SER B 86 17.66 -2.01 -29.61
N MET B 87 17.27 -2.97 -28.76
CA MET B 87 17.32 -4.38 -29.22
C MET B 87 15.93 -4.95 -29.48
N ASP B 88 15.93 -6.08 -30.18
CA ASP B 88 14.78 -6.90 -30.52
C ASP B 88 15.02 -8.31 -30.02
N PRO B 89 13.99 -9.13 -29.91
CA PRO B 89 14.22 -10.55 -29.63
C PRO B 89 15.04 -11.17 -30.76
N PRO B 90 15.77 -12.25 -30.47
CA PRO B 90 15.98 -12.96 -29.20
C PRO B 90 16.91 -12.24 -28.22
N LYS B 91 17.83 -11.43 -28.76
CA LYS B 91 18.83 -10.68 -27.94
C LYS B 91 18.16 -9.95 -26.78
N HIS B 92 17.08 -9.20 -27.05
CA HIS B 92 16.40 -8.44 -26.01
C HIS B 92 15.89 -9.35 -24.90
N THR B 93 15.24 -10.44 -25.26
CA THR B 93 14.60 -11.34 -24.29
C THR B 93 15.60 -11.84 -23.25
N ARG B 94 16.77 -12.29 -23.71
CA ARG B 94 17.82 -12.85 -22.84
C ARG B 94 18.24 -11.83 -21.76
N ILE B 95 18.51 -10.59 -22.16
CA ILE B 95 18.97 -9.57 -21.24
C ILE B 95 17.81 -9.06 -20.38
N ARG B 96 16.63 -8.92 -20.98
CA ARG B 96 15.46 -8.49 -20.21
C ARG B 96 15.15 -9.47 -19.08
N SER B 97 15.22 -10.78 -19.38
CA SER B 97 14.90 -11.78 -18.37
C SER B 97 15.94 -11.85 -17.27
N ILE B 98 17.17 -11.40 -17.54
CA ILE B 98 18.18 -11.44 -16.49
C ILE B 98 18.10 -10.19 -15.62
N VAL B 99 18.04 -9.00 -16.25
CA VAL B 99 18.06 -7.77 -15.46
C VAL B 99 16.78 -7.60 -14.65
N SER B 100 15.67 -8.24 -15.06
CA SER B 100 14.44 -8.16 -14.28
C SER B 100 14.62 -8.70 -12.87
N LYS B 101 15.58 -9.60 -12.67
CA LYS B 101 15.79 -10.21 -11.36
C LYS B 101 16.28 -9.23 -10.32
N ALA B 102 16.57 -7.99 -10.70
CA ALA B 102 16.97 -6.95 -9.77
C ALA B 102 15.85 -5.98 -9.43
N PHE B 103 14.65 -6.19 -9.99
CA PHE B 103 13.55 -5.26 -9.78
C PHE B 103 12.27 -5.98 -9.38
N THR B 104 12.39 -7.09 -8.64
CA THR B 104 11.23 -7.84 -8.20
C THR B 104 10.52 -7.09 -7.08
N PRO B 105 9.21 -7.33 -6.91
CA PRO B 105 8.49 -6.67 -5.80
C PRO B 105 9.18 -6.82 -4.46
N ARG B 106 9.68 -8.00 -4.12
CA ARG B 106 10.29 -8.16 -2.81
C ARG B 106 11.63 -7.44 -2.71
N ILE B 107 12.30 -7.20 -3.84
CA ILE B 107 13.50 -6.38 -3.81
C ILE B 107 13.15 -4.90 -3.65
N MET B 108 12.07 -4.44 -4.30
CA MET B 108 11.62 -3.07 -4.12
C MET B 108 11.32 -2.79 -2.64
N LYS B 109 10.71 -3.76 -1.95
CA LYS B 109 10.35 -3.55 -0.55
C LYS B 109 11.59 -3.38 0.31
N GLU B 110 12.65 -4.13 0.00
CA GLU B 110 13.94 -3.95 0.68
C GLU B 110 14.44 -2.52 0.58
N TRP B 111 14.24 -1.89 -0.59
CA TRP B 111 14.85 -0.59 -0.84
C TRP B 111 14.07 0.56 -0.21
N GLU B 112 12.77 0.39 -0.01
CA GLU B 112 11.86 1.41 0.49
C GLU B 112 12.41 2.14 1.72
N PRO B 113 12.68 1.46 2.85
CA PRO B 113 13.22 2.18 4.02
C PRO B 113 14.40 3.08 3.68
N ARG B 114 15.33 2.58 2.86
CA ARG B 114 16.50 3.36 2.49
C ARG B 114 16.13 4.57 1.65
N ILE B 115 15.20 4.39 0.70
CA ILE B 115 14.78 5.52 -0.13
C ILE B 115 14.05 6.56 0.72
N ARG B 116 13.32 6.12 1.75
CA ARG B 116 12.68 7.07 2.66
C ARG B 116 13.70 7.95 3.36
N VAL B 117 14.84 7.38 3.76
CA VAL B 117 15.84 8.15 4.49
C VAL B 117 16.47 9.21 3.60
N LEU B 118 16.90 8.81 2.40
CA LEU B 118 17.45 9.77 1.44
C LEU B 118 16.47 10.90 1.18
N THR B 119 15.20 10.54 0.99
CA THR B 119 14.14 11.52 0.68
C THR B 119 13.97 12.51 1.83
N ASP B 120 13.84 12.01 3.06
CA ASP B 120 13.67 12.89 4.24
C ASP B 120 14.91 13.79 4.36
N GLU B 121 16.10 13.25 4.16
CA GLU B 121 17.35 14.03 4.24
C GLU B 121 17.29 15.18 3.23
N LEU B 122 16.84 14.90 2.00
CA LEU B 122 16.76 15.93 0.92
C LEU B 122 15.79 17.04 1.30
N LEU B 123 14.53 16.72 1.57
CA LEU B 123 13.51 17.74 1.95
C LEU B 123 14.03 18.55 3.14
N GLY B 124 14.54 17.87 4.17
CA GLY B 124 15.05 18.51 5.39
C GLY B 124 15.92 19.72 5.11
N LYS B 125 16.75 19.65 4.06
CA LYS B 125 17.65 20.76 3.69
C LYS B 125 16.87 22.04 3.32
N ALA B 126 15.64 21.91 2.81
CA ALA B 126 14.80 23.07 2.41
C ALA B 126 13.91 23.55 3.55
N ARG B 127 14.23 23.22 4.79
CA ARG B 127 13.42 23.69 5.95
C ARG B 127 13.82 25.14 6.25
N GLY B 128 12.94 25.91 6.89
CA GLY B 128 13.26 27.31 7.23
C GLY B 128 13.21 28.22 6.02
N ARG B 129 12.33 27.91 5.06
CA ARG B 129 12.17 28.72 3.83
C ARG B 129 10.70 28.67 3.41
N ASP B 130 10.15 29.78 2.93
CA ASP B 130 8.73 29.77 2.48
C ASP B 130 8.69 29.67 0.96
N GLU B 131 9.85 29.69 0.32
CA GLU B 131 9.93 29.52 -1.16
C GLU B 131 11.02 28.48 -1.48
N ILE B 132 10.67 27.51 -2.31
CA ILE B 132 11.60 26.48 -2.76
C ILE B 132 11.47 26.38 -4.27
N ASP B 133 12.50 25.81 -4.88
CA ASP B 133 12.48 25.42 -6.29
C ASP B 133 12.41 23.90 -6.29
N LEU B 134 11.23 23.36 -6.57
CA LEU B 134 11.02 21.92 -6.46
C LEU B 134 12.06 21.14 -7.25
N VAL B 135 12.42 21.64 -8.44
CA VAL B 135 13.35 20.93 -9.30
C VAL B 135 14.72 20.91 -8.64
N GLN B 136 15.33 22.09 -8.46
CA GLN B 136 16.70 22.12 -7.96
C GLN B 136 16.80 21.68 -6.51
N ASP B 137 15.73 21.81 -5.72
CA ASP B 137 15.80 21.45 -4.31
C ASP B 137 15.37 20.02 -4.02
N PHE B 138 14.59 19.39 -4.91
CA PHE B 138 14.03 18.09 -4.57
C PHE B 138 13.98 17.14 -5.77
N SER B 139 13.15 17.46 -6.77
CA SER B 139 12.85 16.47 -7.81
C SER B 139 14.07 16.10 -8.64
N TYR B 140 14.96 17.07 -8.90
CA TYR B 140 16.16 16.73 -9.69
C TYR B 140 17.19 15.96 -8.87
N PRO B 141 17.61 16.40 -7.68
CA PRO B 141 18.62 15.62 -6.94
C PRO B 141 18.19 14.21 -6.53
N LEU B 142 16.90 14.00 -6.23
CA LEU B 142 16.47 12.74 -5.62
C LEU B 142 16.80 11.51 -6.48
N PRO B 143 16.33 11.39 -7.73
CA PRO B 143 16.67 10.19 -8.52
C PRO B 143 18.16 9.89 -8.58
N VAL B 144 18.98 10.94 -8.68
CA VAL B 144 20.42 10.75 -8.71
C VAL B 144 20.89 10.13 -7.41
N MET B 145 20.44 10.67 -6.28
CA MET B 145 20.80 10.13 -4.97
C MET B 145 20.37 8.68 -4.82
N VAL B 146 19.15 8.35 -5.26
CA VAL B 146 18.61 7.01 -5.06
C VAL B 146 19.35 6.00 -5.92
N ILE B 147 19.41 6.23 -7.23
CA ILE B 147 20.10 5.30 -8.10
C ILE B 147 21.58 5.20 -7.74
N SER B 148 22.17 6.30 -7.26
CA SER B 148 23.55 6.22 -6.79
C SER B 148 23.66 5.29 -5.60
N GLU B 149 22.71 5.38 -4.66
CA GLU B 149 22.73 4.49 -3.50
C GLU B 149 22.48 3.05 -3.93
N LEU B 150 21.52 2.82 -4.82
CA LEU B 150 21.17 1.45 -5.20
C LEU B 150 22.26 0.81 -6.05
N LEU B 151 23.04 1.62 -6.76
CA LEU B 151 24.11 1.10 -7.63
C LEU B 151 25.36 0.78 -6.80
N GLY B 152 25.29 1.00 -5.49
CA GLY B 152 26.42 0.72 -4.57
C GLY B 152 27.57 1.68 -4.76
N VAL B 153 27.30 2.88 -5.27
CA VAL B 153 28.37 3.89 -5.52
C VAL B 153 28.96 4.31 -4.19
N PRO B 154 30.27 4.08 -3.95
CA PRO B 154 30.92 4.49 -2.71
C PRO B 154 30.74 5.99 -2.39
N SER B 155 30.66 6.33 -1.11
CA SER B 155 30.45 7.73 -0.64
C SER B 155 31.56 8.70 -1.07
N GLU B 156 32.78 8.20 -1.29
CA GLU B 156 33.92 9.07 -1.73
C GLU B 156 33.78 9.40 -3.23
N HIS B 157 32.97 8.64 -3.98
CA HIS B 157 32.79 8.89 -5.44
C HIS B 157 31.40 9.44 -5.73
N LYS B 158 30.61 9.71 -4.69
CA LYS B 158 29.22 10.20 -4.85
C LYS B 158 29.19 11.51 -5.65
N GLU B 159 29.95 12.52 -5.23
CA GLU B 159 29.93 13.83 -5.93
C GLU B 159 30.46 13.68 -7.35
N LYS B 160 31.47 12.82 -7.55
CA LYS B 160 32.05 12.60 -8.91
C LYS B 160 31.04 11.88 -9.80
N PHE B 161 30.21 11.02 -9.18
CA PHE B 161 29.17 10.26 -9.91
C PHE B 161 28.08 11.21 -10.40
N LYS B 162 27.74 12.21 -9.57
CA LYS B 162 26.70 13.21 -9.93
C LYS B 162 27.14 13.95 -11.19
N GLU B 163 28.42 14.33 -11.25
CA GLU B 163 28.97 15.04 -12.43
C GLU B 163 28.76 14.17 -13.68
N TRP B 164 29.22 12.92 -13.63
CA TRP B 164 29.08 12.03 -14.77
C TRP B 164 27.62 11.89 -15.17
N SER B 165 26.74 11.73 -14.18
CA SER B 165 25.31 11.62 -14.45
C SER B 165 24.81 12.85 -15.20
N ASP B 166 25.16 14.04 -14.72
CA ASP B 166 24.80 15.27 -15.42
C ASP B 166 25.30 15.25 -16.86
N LEU B 167 26.60 14.97 -17.03
CA LEU B 167 27.17 14.88 -18.38
C LEU B 167 26.37 13.92 -19.25
N LEU B 168 25.96 12.78 -18.67
CA LEU B 168 25.33 11.73 -19.46
C LEU B 168 24.00 12.20 -20.03
N VAL B 169 23.21 12.93 -19.26
CA VAL B 169 21.89 13.38 -19.70
C VAL B 169 21.94 14.76 -20.36
N SER B 170 23.13 15.31 -20.54
CA SER B 170 23.26 16.69 -21.01
C SER B 170 23.06 16.78 -22.52
N LEU B 171 22.86 18.01 -22.98
CA LEU B 171 22.55 18.35 -24.37
C LEU B 171 23.39 19.54 -24.80
N PRO B 172 23.64 19.72 -26.10
CA PRO B 172 24.37 20.91 -26.55
C PRO B 172 23.61 22.20 -26.29
N LYS B 173 24.37 23.28 -26.14
CA LYS B 173 23.77 24.61 -25.99
C LYS B 173 22.92 24.99 -27.20
N SER B 174 23.30 24.50 -28.38
CA SER B 174 22.76 25.01 -29.63
C SER B 174 22.72 23.87 -30.64
N ALA B 175 22.19 24.16 -31.83
CA ALA B 175 22.44 23.33 -33.00
C ALA B 175 23.71 23.72 -33.76
N TYR B 176 24.37 24.81 -33.37
CA TYR B 176 25.63 25.20 -34.01
C TYR B 176 26.63 24.07 -33.91
N GLU B 177 27.16 23.63 -35.05
CA GLU B 177 27.95 22.41 -35.08
C GLU B 177 29.24 22.54 -34.27
N GLU B 178 29.73 23.76 -34.08
CA GLU B 178 30.86 23.92 -33.16
C GLU B 178 30.43 23.73 -31.72
N ASP B 179 29.20 24.13 -31.38
CA ASP B 179 28.66 23.83 -30.06
C ASP B 179 28.44 22.35 -29.88
N VAL B 180 27.92 21.68 -30.91
CA VAL B 180 27.65 20.25 -30.82
C VAL B 180 28.95 19.47 -30.62
N MET B 181 30.01 19.83 -31.36
CA MET B 181 31.24 19.06 -31.28
C MET B 181 31.96 19.28 -29.96
N GLU B 182 31.92 20.51 -29.43
CA GLU B 182 32.43 20.74 -28.08
C GLU B 182 31.69 19.88 -27.06
N TRP B 183 30.38 19.70 -27.27
CA TRP B 183 29.56 18.92 -26.36
C TRP B 183 29.89 17.43 -26.45
N ARG B 184 30.01 16.91 -27.68
CA ARG B 184 30.30 15.49 -27.85
C ARG B 184 31.62 15.10 -27.21
N THR B 185 32.64 15.98 -27.31
CA THR B 185 33.94 15.64 -26.75
C THR B 185 33.90 15.55 -25.23
N ILE B 186 33.33 16.56 -24.57
CA ILE B 186 33.25 16.52 -23.11
C ILE B 186 32.33 15.40 -22.66
N ARG B 187 31.24 15.18 -23.40
CA ARG B 187 30.29 14.13 -23.02
C ARG B 187 30.86 12.73 -23.30
N ASN B 188 31.56 12.56 -24.43
CA ASN B 188 32.10 11.23 -24.72
C ASN B 188 33.24 10.89 -23.78
N LYS B 189 33.89 11.89 -23.19
CA LYS B 189 34.90 11.61 -22.19
C LYS B 189 34.27 11.37 -20.83
N GLY B 190 33.08 11.93 -20.59
CA GLY B 190 32.34 11.58 -19.39
C GLY B 190 31.76 10.18 -19.46
N GLU B 191 31.21 9.80 -20.60
CA GLU B 191 30.67 8.45 -20.74
C GLU B 191 31.76 7.40 -20.58
N GLU B 192 32.92 7.63 -21.22
CA GLU B 192 34.01 6.67 -21.13
C GLU B 192 34.58 6.58 -19.72
N ASP B 193 34.67 7.72 -19.03
CA ASP B 193 35.10 7.70 -17.63
C ASP B 193 34.02 7.07 -16.76
N LEU B 194 32.75 7.29 -17.08
CA LEU B 194 31.67 6.65 -16.34
C LEU B 194 31.70 5.14 -16.55
N SER B 195 31.84 4.69 -17.80
CA SER B 195 31.91 3.26 -18.08
C SER B 195 33.06 2.62 -17.32
N ALA B 196 34.25 3.24 -17.37
CA ALA B 196 35.40 2.70 -16.66
C ALA B 196 35.11 2.58 -15.17
N PHE B 197 34.44 3.59 -14.60
CA PHE B 197 34.09 3.53 -13.19
C PHE B 197 33.21 2.31 -12.90
N PHE B 198 32.20 2.06 -13.76
CA PHE B 198 31.35 0.90 -13.57
C PHE B 198 32.13 -0.39 -13.70
N GLU B 199 32.97 -0.50 -14.75
CA GLU B 199 33.78 -1.70 -14.94
C GLU B 199 34.57 -2.04 -13.68
N ASN B 200 35.10 -1.01 -13.01
CA ASN B 200 35.85 -1.25 -11.79
C ASN B 200 34.95 -1.67 -10.64
N VAL B 201 33.82 -0.98 -10.47
CA VAL B 201 32.90 -1.35 -9.39
C VAL B 201 32.43 -2.78 -9.58
N ILE B 202 32.11 -3.16 -10.81
CA ILE B 202 31.70 -4.54 -11.09
C ILE B 202 32.72 -5.52 -10.55
N GLU B 203 34.00 -5.30 -10.88
CA GLU B 203 35.04 -6.25 -10.46
C GLU B 203 35.27 -6.22 -8.94
N GLU B 204 35.13 -5.06 -8.30
CA GLU B 204 35.29 -5.03 -6.86
C GLU B 204 34.08 -5.65 -6.15
N LYS B 205 32.89 -5.55 -6.76
CA LYS B 205 31.74 -6.22 -6.15
C LYS B 205 31.82 -7.74 -6.29
N ARG B 206 32.58 -8.26 -7.26
CA ARG B 206 32.69 -9.70 -7.46
C ARG B 206 33.33 -10.38 -6.27
N ARG B 207 34.30 -9.68 -5.68
CA ARG B 207 35.10 -10.21 -4.54
C ARG B 207 34.44 -9.87 -3.20
N ASN B 208 33.53 -8.89 -3.19
CA ASN B 208 32.79 -8.51 -1.99
C ASN B 208 31.37 -8.07 -2.40
N LEU B 209 30.49 -9.05 -2.56
CA LEU B 209 29.13 -8.79 -2.98
C LEU B 209 28.33 -8.10 -1.87
N GLY B 210 27.40 -7.25 -2.29
CA GLY B 210 26.52 -6.55 -1.37
C GLY B 210 25.06 -6.69 -1.77
N ASP B 211 24.20 -5.76 -1.35
CA ASP B 211 22.80 -5.77 -1.75
C ASP B 211 22.49 -4.72 -2.81
N ASP B 212 23.51 -4.11 -3.39
CA ASP B 212 23.36 -3.17 -4.49
C ASP B 212 22.95 -3.89 -5.78
N ILE B 213 22.47 -3.10 -6.75
CA ILE B 213 22.02 -3.66 -8.01
C ILE B 213 23.14 -4.39 -8.73
N ILE B 214 24.36 -3.84 -8.70
CA ILE B 214 25.47 -4.48 -9.39
C ILE B 214 25.76 -5.85 -8.80
N SER B 215 25.76 -5.96 -7.48
CA SER B 215 26.00 -7.27 -6.86
C SER B 215 24.86 -8.22 -7.18
N LEU B 216 23.64 -7.71 -7.30
CA LEU B 216 22.53 -8.54 -7.73
C LEU B 216 22.72 -9.04 -9.16
N LEU B 217 23.14 -8.14 -10.06
CA LEU B 217 23.28 -8.52 -11.45
C LEU B 217 24.45 -9.49 -11.65
N ILE B 218 25.49 -9.37 -10.84
CA ILE B 218 26.59 -10.32 -10.92
C ILE B 218 26.11 -11.73 -10.58
N GLN B 219 25.26 -11.85 -9.57
CA GLN B 219 24.79 -13.16 -9.13
C GLN B 219 23.59 -13.65 -9.91
N ALA B 220 22.84 -12.75 -10.56
CA ALA B 220 21.71 -13.19 -11.36
C ALA B 220 22.19 -14.17 -12.40
N GLU B 221 21.38 -15.20 -12.64
CA GLU B 221 21.80 -16.26 -13.54
C GLU B 221 20.54 -16.92 -14.08
N GLU B 222 20.55 -17.18 -15.39
CA GLU B 222 19.46 -17.88 -16.06
C GLU B 222 20.05 -19.20 -16.58
N ASP B 223 20.03 -20.21 -15.72
CA ASP B 223 20.51 -21.54 -16.09
C ASP B 223 21.97 -21.51 -16.53
N GLY B 224 22.79 -20.73 -15.81
CA GLY B 224 24.19 -20.55 -16.12
C GLY B 224 24.51 -19.31 -16.93
N ASP B 225 23.52 -18.79 -17.64
CA ASP B 225 23.70 -17.58 -18.45
C ASP B 225 23.74 -16.34 -17.56
N ARG B 226 24.85 -15.60 -17.62
CA ARG B 226 25.02 -14.36 -16.88
C ARG B 226 25.33 -13.21 -17.84
N LEU B 227 25.09 -11.99 -17.39
CA LEU B 227 25.54 -10.84 -18.15
C LEU B 227 27.06 -10.81 -18.17
N SER B 228 27.61 -10.45 -19.31
CA SER B 228 29.04 -10.19 -19.37
C SER B 228 29.29 -8.78 -18.86
N PRO B 229 30.54 -8.46 -18.52
CA PRO B 229 30.86 -7.05 -18.26
C PRO B 229 30.50 -6.16 -19.43
N ASP B 230 30.65 -6.67 -20.66
CA ASP B 230 30.29 -5.87 -21.84
C ASP B 230 28.81 -5.52 -21.85
N GLU B 231 27.97 -6.38 -21.28
CA GLU B 231 26.54 -6.10 -21.21
C GLU B 231 26.16 -5.34 -19.96
N LEU B 232 26.95 -5.52 -18.89
CA LEU B 232 26.62 -4.97 -17.58
C LEU B 232 26.78 -3.46 -17.54
N VAL B 233 27.95 -2.95 -17.97
CA VAL B 233 28.20 -1.51 -17.92
C VAL B 233 27.21 -0.72 -18.77
N PRO B 234 26.95 -1.08 -20.03
CA PRO B 234 25.85 -0.41 -20.75
C PRO B 234 24.53 -0.42 -20.00
N PHE B 235 24.20 -1.50 -19.29
CA PHE B 235 22.94 -1.52 -18.57
C PHE B 235 22.93 -0.52 -17.43
N CYS B 236 24.05 -0.39 -16.71
CA CYS B 236 24.10 0.57 -15.61
C CYS B 236 23.98 1.99 -16.13
N ASN B 237 24.62 2.28 -17.27
CA ASN B 237 24.44 3.59 -17.90
C ASN B 237 22.99 3.83 -18.27
N LEU B 238 22.32 2.81 -18.81
CA LEU B 238 20.92 2.96 -19.20
C LEU B 238 20.04 3.35 -18.01
N LEU B 239 20.34 2.80 -16.82
CA LEU B 239 19.56 3.14 -15.64
C LEU B 239 19.59 4.64 -15.37
N LEU B 240 20.77 5.25 -15.46
CA LEU B 240 20.86 6.70 -15.28
C LEU B 240 20.12 7.41 -16.40
N LEU B 241 20.40 7.01 -17.65
CA LEU B 241 19.83 7.65 -18.82
C LEU B 241 18.30 7.55 -18.83
N ALA B 242 17.77 6.38 -18.46
CA ALA B 242 16.33 6.14 -18.53
C ALA B 242 15.62 6.38 -17.21
N GLY B 243 16.34 6.61 -16.12
CA GLY B 243 15.70 6.72 -14.83
C GLY B 243 15.79 8.06 -14.15
N ASN B 244 16.86 8.82 -14.43
CA ASN B 244 17.10 10.06 -13.72
C ASN B 244 16.05 11.12 -14.07
N GLU B 245 16.08 11.60 -15.32
CA GLU B 245 15.23 12.74 -15.68
C GLU B 245 13.76 12.35 -15.78
N THR B 246 13.45 11.11 -16.15
CA THR B 246 12.05 10.68 -16.18
C THR B 246 11.41 10.80 -14.81
N THR B 247 12.10 10.31 -13.78
CA THR B 247 11.55 10.35 -12.42
C THR B 247 11.48 11.78 -11.91
N THR B 248 12.54 12.56 -12.14
CA THR B 248 12.53 13.98 -11.79
C THR B 248 11.30 14.67 -12.33
N ASN B 249 11.07 14.56 -13.65
CA ASN B 249 9.93 15.23 -14.25
C ASN B 249 8.61 14.61 -13.81
N LEU B 250 8.58 13.28 -13.59
CA LEU B 250 7.35 12.68 -13.05
C LEU B 250 6.96 13.33 -11.74
N ILE B 251 7.93 13.47 -10.81
CA ILE B 251 7.66 14.13 -9.54
C ILE B 251 7.22 15.56 -9.79
N SER B 252 8.03 16.32 -10.53
CA SER B 252 7.69 17.70 -10.93
C SER B 252 6.28 17.77 -11.49
N ASN B 253 6.01 16.99 -12.55
CA ASN B 253 4.72 17.09 -13.22
C ASN B 253 3.59 16.66 -12.31
N MET B 254 3.83 15.71 -11.41
CA MET B 254 2.77 15.29 -10.51
C MET B 254 2.40 16.40 -9.53
N VAL B 255 3.42 17.02 -8.91
CA VAL B 255 3.15 18.11 -7.96
C VAL B 255 2.42 19.25 -8.65
N TYR B 256 2.84 19.59 -9.88
CA TYR B 256 2.16 20.66 -10.61
C TYR B 256 0.73 20.27 -10.92
N SER B 257 0.51 19.03 -11.35
CA SER B 257 -0.84 18.53 -11.59
C SER B 257 -1.70 18.60 -10.34
N ILE B 258 -1.11 18.37 -9.17
CA ILE B 258 -1.86 18.36 -7.92
C ILE B 258 -2.25 19.79 -7.54
N LEU B 259 -1.29 20.71 -7.56
CA LEU B 259 -1.56 22.08 -7.20
C LEU B 259 -2.39 22.80 -8.25
N GLU B 260 -2.46 22.24 -9.45
CA GLU B 260 -3.29 22.79 -10.52
C GLU B 260 -4.78 22.58 -10.27
N LYS B 261 -5.14 21.61 -9.45
CA LYS B 261 -6.54 21.27 -9.18
C LYS B 261 -6.84 21.52 -7.70
N PRO B 262 -7.42 22.68 -7.35
CA PRO B 262 -7.70 23.02 -5.95
C PRO B 262 -8.26 21.87 -5.11
N GLY B 263 -7.66 21.67 -3.93
CA GLY B 263 -8.15 20.69 -2.97
C GLY B 263 -7.47 19.33 -3.03
N THR B 264 -6.85 18.99 -4.16
CA THR B 264 -6.29 17.65 -4.31
C THR B 264 -5.14 17.43 -3.33
N PHE B 265 -4.30 18.44 -3.14
CA PHE B 265 -3.20 18.35 -2.19
C PHE B 265 -3.70 17.93 -0.81
N ASP B 266 -4.77 18.57 -0.33
CA ASP B 266 -5.33 18.21 0.97
C ASP B 266 -5.92 16.81 0.93
N GLU B 267 -6.71 16.50 -0.09
CA GLU B 267 -7.33 15.19 -0.22
C GLU B 267 -6.28 14.07 -0.12
N LEU B 268 -5.15 14.25 -0.80
CA LEU B 268 -4.11 13.22 -0.75
C LEU B 268 -3.46 13.17 0.62
N ALA B 269 -3.26 14.33 1.25
CA ALA B 269 -2.63 14.35 2.57
C ALA B 269 -3.52 13.72 3.62
N ASN B 270 -4.84 13.87 3.47
CA ASN B 270 -5.77 13.29 4.44
C ASN B 270 -5.98 11.80 4.21
N GLN B 271 -5.81 11.32 2.98
CA GLN B 271 -5.96 9.90 2.64
C GLN B 271 -4.74 9.46 1.84
N PRO B 272 -3.60 9.27 2.50
CA PRO B 272 -2.35 8.94 1.79
C PRO B 272 -2.42 7.71 0.88
N ASP B 273 -3.31 6.76 1.14
CA ASP B 273 -3.31 5.56 0.31
C ASP B 273 -3.91 5.79 -1.07
N LEU B 274 -4.28 7.04 -1.40
CA LEU B 274 -4.67 7.39 -2.76
C LEU B 274 -3.47 7.79 -3.62
N ILE B 275 -2.28 7.90 -3.01
CA ILE B 275 -1.11 8.39 -3.74
C ILE B 275 -0.71 7.49 -4.90
N PRO B 276 -0.58 6.16 -4.74
CA PRO B 276 -0.23 5.32 -5.90
C PRO B 276 -1.13 5.54 -7.10
N GLN B 277 -2.45 5.62 -6.89
CA GLN B 277 -3.37 5.94 -7.98
C GLN B 277 -3.08 7.32 -8.54
N ALA B 278 -2.76 8.28 -7.67
CA ALA B 278 -2.41 9.61 -8.15
C ALA B 278 -1.12 9.57 -8.97
N VAL B 279 -0.15 8.77 -8.55
CA VAL B 279 1.08 8.62 -9.34
C VAL B 279 0.76 8.08 -10.72
N GLU B 280 -0.12 7.08 -10.81
CA GLU B 280 -0.50 6.54 -12.11
C GLU B 280 -1.25 7.59 -12.94
N GLU B 281 -2.12 8.36 -12.29
CA GLU B 281 -2.80 9.44 -13.00
C GLU B 281 -1.82 10.50 -13.45
N ALA B 282 -0.75 10.74 -12.69
CA ALA B 282 0.28 11.68 -13.10
C ALA B 282 0.99 11.21 -14.37
N VAL B 283 1.31 9.92 -14.43
CA VAL B 283 1.97 9.35 -15.63
C VAL B 283 0.99 9.48 -16.80
N ARG B 284 -0.31 9.32 -16.52
CA ARG B 284 -1.37 9.41 -17.56
C ARG B 284 -1.56 10.86 -18.01
N PHE B 285 -1.61 11.79 -17.06
CA PHE B 285 -1.90 13.21 -17.37
C PHE B 285 -0.66 13.95 -17.90
N ARG B 286 0.46 13.89 -17.18
CA ARG B 286 1.68 14.61 -17.61
C ARG B 286 2.88 13.68 -17.60
N ALA B 287 2.92 12.76 -18.58
CA ALA B 287 4.02 11.77 -18.70
C ALA B 287 5.36 12.49 -18.92
N PRO B 288 6.44 12.08 -18.23
CA PRO B 288 7.76 12.68 -18.46
C PRO B 288 8.35 12.26 -19.81
N ALA B 289 7.91 11.12 -20.33
CA ALA B 289 8.35 10.60 -21.64
C ALA B 289 7.15 10.63 -22.58
N PRO B 290 6.87 11.74 -23.29
CA PRO B 290 5.70 11.84 -24.14
C PRO B 290 5.72 10.97 -25.41
N MET B 291 6.90 10.66 -25.94
CA MET B 291 6.92 9.86 -27.19
C MET B 291 7.95 8.74 -27.13
N ILE B 292 7.67 7.65 -27.86
CA ILE B 292 8.54 6.45 -27.99
C ILE B 292 8.82 6.32 -29.49
N VAL B 293 10.04 5.93 -29.88
CA VAL B 293 10.36 5.82 -31.33
C VAL B 293 10.45 4.35 -31.76
N ARG B 294 9.86 4.03 -32.91
CA ARG B 294 9.90 2.65 -33.47
C ARG B 294 10.23 2.73 -34.96
N PHE B 295 10.65 1.60 -35.54
CA PHE B 295 10.95 1.53 -36.97
C PHE B 295 10.19 0.37 -37.59
N VAL B 296 9.58 0.61 -38.74
CA VAL B 296 8.76 -0.41 -39.38
C VAL B 296 9.62 -1.60 -39.78
N GLN B 297 9.20 -2.80 -39.38
CA GLN B 297 9.90 -4.01 -39.78
C GLN B 297 9.30 -4.70 -41.00
N GLN B 298 7.97 -4.70 -41.08
CA GLN B 298 7.25 -5.31 -42.22
C GLN B 298 6.30 -4.26 -42.80
N ASP B 299 6.03 -4.33 -44.10
CA ASP B 299 5.08 -3.37 -44.70
C ASP B 299 3.73 -3.60 -44.03
N THR B 300 3.07 -2.53 -43.61
CA THR B 300 1.74 -2.69 -42.97
C THR B 300 0.97 -1.37 -43.06
N ALA B 301 -0.26 -1.36 -42.55
CA ALA B 301 -1.08 -0.14 -42.60
C ALA B 301 -1.93 -0.08 -41.33
N ILE B 302 -2.34 1.13 -40.96
CA ILE B 302 -3.19 1.35 -39.76
C ILE B 302 -4.01 2.62 -40.01
N ARG B 303 -5.33 2.52 -39.86
CA ARG B 303 -6.30 3.63 -40.08
C ARG B 303 -6.25 4.09 -41.55
N GLY B 304 -6.08 3.14 -42.48
CA GLY B 304 -6.07 3.44 -43.93
C GLY B 304 -4.70 3.78 -44.48
N VAL B 305 -3.87 4.49 -43.72
CA VAL B 305 -2.53 4.92 -44.17
C VAL B 305 -1.58 3.71 -44.18
N ASN B 306 -0.83 3.54 -45.28
CA ASN B 306 0.13 2.42 -45.42
C ASN B 306 1.53 2.89 -45.00
N LEU B 307 2.29 2.02 -44.32
CA LEU B 307 3.65 2.37 -43.86
C LEU B 307 4.64 1.39 -44.51
N LYS B 308 5.82 1.89 -44.89
CA LYS B 308 6.84 1.04 -45.55
C LYS B 308 7.93 0.63 -44.55
N LYS B 309 8.46 -0.57 -44.69
CA LYS B 309 9.52 -1.07 -43.77
C LYS B 309 10.73 -0.14 -43.82
N GLY B 310 11.31 0.15 -42.65
CA GLY B 310 12.50 1.03 -42.58
C GLY B 310 12.13 2.46 -42.30
N GLU B 311 10.82 2.77 -42.25
CA GLU B 311 10.36 4.15 -41.98
C GLU B 311 10.24 4.35 -40.48
N GLY B 312 10.56 5.56 -40.00
CA GLY B 312 10.49 5.88 -38.56
C GLY B 312 9.10 6.27 -38.13
N VAL B 313 8.65 5.73 -36.98
CA VAL B 313 7.35 6.04 -36.40
C VAL B 313 7.55 6.58 -34.99
N ILE B 314 6.89 7.71 -34.69
CA ILE B 314 6.97 8.36 -33.40
C ILE B 314 5.62 8.18 -32.71
N ALA B 315 5.58 7.30 -31.70
CA ALA B 315 4.35 7.01 -30.95
C ALA B 315 4.24 7.98 -29.78
N PHE B 316 3.30 8.91 -29.87
CA PHE B 316 3.13 9.92 -28.83
C PHE B 316 2.30 9.32 -27.70
N LEU B 317 2.99 8.75 -26.72
CA LEU B 317 2.32 8.23 -25.53
C LEU B 317 1.50 9.32 -24.85
N ALA B 318 2.06 10.53 -24.76
CA ALA B 318 1.38 11.62 -24.06
C ALA B 318 0.00 11.88 -24.66
N SER B 319 -0.11 11.87 -26.00
CA SER B 319 -1.40 12.13 -26.63
C SER B 319 -2.32 10.92 -26.56
N ALA B 320 -1.75 9.72 -26.68
CA ALA B 320 -2.54 8.50 -26.52
C ALA B 320 -3.17 8.44 -25.15
N ASN B 321 -2.49 8.96 -24.13
CA ASN B 321 -3.02 8.98 -22.77
C ASN B 321 -4.05 10.10 -22.58
N ARG B 322 -4.26 10.95 -23.60
CA ARG B 322 -5.30 11.97 -23.58
C ARG B 322 -6.43 11.67 -24.55
N ASP B 323 -6.44 10.48 -25.15
CA ASP B 323 -7.43 10.12 -26.15
C ASP B 323 -8.82 10.03 -25.53
N GLU B 324 -9.77 10.82 -26.07
CA GLU B 324 -11.12 10.84 -25.52
C GLU B 324 -11.86 9.54 -25.76
N ALA B 325 -11.34 8.66 -26.62
CA ALA B 325 -11.96 7.37 -26.88
C ALA B 325 -11.45 6.24 -26.00
N ALA B 326 -10.38 6.48 -25.25
CA ALA B 326 -9.84 5.48 -24.33
C ALA B 326 -10.09 5.80 -22.88
N PHE B 327 -10.26 7.07 -22.53
CA PHE B 327 -10.46 7.49 -21.16
C PHE B 327 -11.69 8.39 -21.07
N GLU B 328 -12.48 8.17 -20.02
CA GLU B 328 -13.64 9.01 -19.73
C GLU B 328 -13.13 10.30 -19.07
N ARG B 329 -13.61 11.44 -19.57
CA ARG B 329 -13.12 12.74 -19.12
C ARG B 329 -11.60 12.82 -19.20
N ALA B 330 -11.09 12.60 -20.43
CA ALA B 330 -9.65 12.40 -20.62
C ALA B 330 -8.82 13.60 -20.19
N HIS B 331 -9.39 14.81 -20.19
CA HIS B 331 -8.57 15.99 -19.90
C HIS B 331 -8.65 16.42 -18.44
N GLU B 332 -9.23 15.62 -17.56
CA GLU B 332 -9.26 15.98 -16.14
C GLU B 332 -8.34 15.07 -15.36
N PHE B 333 -7.51 15.68 -14.52
CA PHE B 333 -6.60 14.97 -13.63
C PHE B 333 -7.45 14.40 -12.50
N ASP B 334 -7.68 13.09 -12.55
CA ASP B 334 -8.57 12.38 -11.63
C ASP B 334 -7.75 11.36 -10.85
N ILE B 335 -7.41 11.69 -9.60
CA ILE B 335 -6.63 10.77 -8.78
C ILE B 335 -7.42 9.54 -8.36
N HIS B 336 -8.74 9.52 -8.60
CA HIS B 336 -9.58 8.38 -8.27
C HIS B 336 -9.78 7.43 -9.44
N ARG B 337 -9.12 7.69 -10.57
CA ARG B 337 -9.27 6.84 -11.73
C ARG B 337 -8.65 5.47 -11.45
N HIS B 338 -9.49 4.44 -11.50
CA HIS B 338 -9.05 3.07 -11.31
C HIS B 338 -10.09 2.16 -11.95
N PRO B 339 -9.68 1.12 -12.70
CA PRO B 339 -8.32 0.91 -13.20
C PRO B 339 -7.88 1.98 -14.20
N ASN B 340 -6.62 2.40 -14.12
CA ASN B 340 -6.04 3.40 -15.00
C ASN B 340 -5.22 2.68 -16.07
N ARG B 341 -5.76 2.60 -17.28
CA ARG B 341 -5.12 1.86 -18.36
C ARG B 341 -4.25 2.76 -19.26
N HIS B 342 -3.53 3.71 -18.68
CA HIS B 342 -2.58 4.49 -19.47
C HIS B 342 -1.43 3.62 -19.96
N ILE B 343 -0.70 4.15 -20.95
CA ILE B 343 0.46 3.45 -21.48
C ILE B 343 1.70 4.33 -21.37
N GLY B 344 1.77 5.14 -20.31
CA GLY B 344 2.89 6.05 -20.09
C GLY B 344 4.20 5.36 -19.77
N PHE B 345 4.15 4.12 -19.29
CA PHE B 345 5.35 3.30 -19.09
C PHE B 345 5.62 2.41 -20.29
N GLY B 346 4.93 2.64 -21.41
CA GLY B 346 5.00 1.76 -22.54
C GLY B 346 3.96 0.67 -22.47
N HIS B 347 4.16 -0.35 -23.30
CA HIS B 347 3.32 -1.54 -23.34
C HIS B 347 4.04 -2.62 -24.14
N GLY B 348 4.07 -3.85 -23.63
CA GLY B 348 4.73 -4.93 -24.36
C GLY B 348 6.05 -5.38 -23.77
N ILE B 349 6.91 -5.96 -24.60
CA ILE B 349 8.17 -6.51 -24.10
C ILE B 349 9.11 -5.44 -23.59
N HIS B 350 8.97 -4.20 -24.05
CA HIS B 350 9.83 -3.11 -23.60
C HIS B 350 9.19 -2.30 -22.48
N PHE B 351 8.10 -2.79 -21.89
CA PHE B 351 7.45 -2.08 -20.79
C PHE B 351 8.48 -1.68 -19.76
N CYS B 352 8.45 -0.42 -19.35
CA CYS B 352 9.54 0.19 -18.59
C CYS B 352 9.99 -0.72 -17.46
N LEU B 353 11.25 -1.13 -17.53
CA LEU B 353 11.80 -2.01 -16.51
C LEU B 353 11.82 -1.34 -15.15
N GLY B 354 11.92 -0.01 -15.12
CA GLY B 354 12.03 0.72 -13.87
C GLY B 354 10.75 1.22 -13.29
N ALA B 355 9.61 0.89 -13.90
CA ALA B 355 8.31 1.35 -13.40
C ALA B 355 8.12 1.06 -11.91
N PRO B 356 8.42 -0.15 -11.39
CA PRO B 356 8.31 -0.34 -9.93
C PRO B 356 9.13 0.67 -9.14
N LEU B 357 10.36 0.97 -9.58
CA LEU B 357 11.17 1.95 -8.86
C LEU B 357 10.62 3.36 -9.04
N ALA B 358 10.19 3.70 -10.26
CA ALA B 358 9.58 5.01 -10.47
C ALA B 358 8.34 5.19 -9.60
N ARG B 359 7.49 4.16 -9.54
CA ARG B 359 6.28 4.25 -8.71
C ARG B 359 6.64 4.36 -7.24
N LEU B 360 7.58 3.52 -6.78
CA LEU B 360 8.00 3.57 -5.38
C LEU B 360 8.58 4.92 -5.04
N GLU B 361 9.56 5.38 -5.83
CA GLU B 361 10.27 6.62 -5.55
C GLU B 361 9.32 7.83 -5.61
N THR B 362 8.42 7.84 -6.59
CA THR B 362 7.48 8.97 -6.70
C THR B 362 6.51 8.98 -5.53
N LYS B 363 6.05 7.81 -5.09
CA LYS B 363 5.19 7.75 -3.91
C LYS B 363 5.90 8.34 -2.70
N ILE B 364 7.11 7.86 -2.42
CA ILE B 364 7.87 8.33 -1.26
C ILE B 364 8.03 9.84 -1.29
N ALA B 365 8.40 10.40 -2.46
CA ALA B 365 8.60 11.84 -2.57
C ALA B 365 7.32 12.60 -2.23
N LEU B 366 6.19 12.16 -2.77
CA LEU B 366 4.92 12.84 -2.54
C LEU B 366 4.47 12.71 -1.09
N GLU B 367 4.69 11.54 -0.49
CA GLU B 367 4.42 11.38 0.94
C GLU B 367 5.26 12.35 1.77
N ALA B 368 6.55 12.47 1.44
CA ALA B 368 7.41 13.37 2.18
C ALA B 368 6.93 14.81 2.06
N LEU B 369 6.52 15.21 0.86
CA LEU B 369 6.05 16.57 0.66
C LEU B 369 4.79 16.83 1.47
N LEU B 370 3.83 15.90 1.41
CA LEU B 370 2.56 16.10 2.09
C LEU B 370 2.67 16.03 3.60
N LYS B 371 3.78 15.53 4.14
CA LYS B 371 3.97 15.55 5.58
C LYS B 371 4.73 16.80 6.02
N GLN B 372 5.72 17.23 5.24
CA GLN B 372 6.52 18.40 5.59
C GLN B 372 5.81 19.73 5.29
N TYR B 373 4.77 19.71 4.47
CA TYR B 373 4.09 20.95 4.10
C TYR B 373 2.60 20.81 4.27
N SER B 374 2.00 21.80 4.93
CA SER B 374 0.54 21.87 5.03
C SER B 374 -0.07 22.61 3.85
N ALA B 375 0.73 23.38 3.11
CA ALA B 375 0.22 24.12 1.96
C ALA B 375 1.38 24.45 1.03
N MET B 376 1.08 24.45 -0.27
CA MET B 376 2.06 24.78 -1.30
C MET B 376 1.34 25.56 -2.39
N GLU B 377 2.05 26.55 -2.96
CA GLU B 377 1.46 27.42 -3.96
C GLU B 377 2.42 27.60 -5.12
N THR B 378 1.90 27.36 -6.32
CA THR B 378 2.62 27.54 -7.59
C THR B 378 2.97 29.03 -7.77
N ILE B 379 4.25 29.37 -7.64
CA ILE B 379 4.67 30.74 -7.92
C ILE B 379 4.88 30.93 -9.42
N SER B 380 5.89 30.27 -9.97
CA SER B 380 6.29 30.44 -11.36
C SER B 380 6.80 29.09 -11.86
N THR B 381 6.69 28.89 -13.16
CA THR B 381 7.17 27.67 -13.79
C THR B 381 8.00 27.99 -15.03
N GLU B 382 8.97 27.12 -15.31
CA GLU B 382 9.84 27.23 -16.51
C GLU B 382 10.05 25.83 -17.10
N PRO B 383 9.62 25.56 -18.34
CA PRO B 383 9.75 24.24 -18.93
C PRO B 383 11.20 23.82 -19.27
N MET B 384 11.44 22.52 -19.31
CA MET B 384 12.77 21.95 -19.65
C MET B 384 13.04 22.19 -21.13
N ALA B 385 11.97 22.09 -21.94
CA ALA B 385 12.03 22.27 -23.41
C ALA B 385 13.22 21.53 -24.01
N ASN B 386 13.37 20.24 -23.69
CA ASN B 386 14.49 19.43 -24.24
C ASN B 386 13.93 18.49 -25.32
N SER B 387 12.90 18.99 -26.02
CA SER B 387 12.23 18.34 -27.17
C SER B 387 11.55 17.02 -26.81
N SER B 388 12.33 15.96 -26.57
CA SER B 388 11.76 14.59 -26.38
C SER B 388 11.27 14.31 -24.96
N MET B 389 11.19 15.32 -24.08
CA MET B 389 10.69 15.04 -22.71
C MET B 389 9.70 16.13 -22.31
N TYR B 390 8.91 15.87 -21.26
CA TYR B 390 7.90 16.82 -20.76
C TYR B 390 8.17 17.06 -19.28
N GLY B 391 8.70 18.23 -18.93
CA GLY B 391 9.04 18.53 -17.53
C GLY B 391 9.30 20.01 -17.29
N LEU B 392 9.83 20.33 -16.11
CA LEU B 392 10.08 21.74 -15.70
C LEU B 392 11.57 21.93 -15.40
N LYS B 393 12.15 23.04 -15.84
CA LYS B 393 13.56 23.36 -15.52
C LYS B 393 13.57 24.00 -14.13
N HIS B 394 12.50 24.72 -13.81
CA HIS B 394 12.38 25.41 -12.51
C HIS B 394 10.94 25.32 -11.99
N PHE B 395 10.77 25.15 -10.69
CA PHE B 395 9.42 25.06 -10.08
C PHE B 395 9.42 25.85 -8.78
N ARG B 396 9.16 27.15 -8.88
CA ARG B 396 9.12 28.05 -7.70
C ARG B 396 7.82 27.82 -6.95
N LEU B 397 7.91 27.46 -5.67
CA LEU B 397 6.73 27.18 -4.87
C LEU B 397 6.77 28.01 -3.60
N HIS B 398 5.64 28.63 -3.26
CA HIS B 398 5.46 29.22 -1.94
C HIS B 398 4.92 28.12 -1.03
N VAL B 399 5.62 27.85 0.07
CA VAL B 399 5.31 26.69 0.89
C VAL B 399 5.17 27.06 2.36
N LYS B 400 4.37 26.27 3.07
CA LYS B 400 4.10 26.42 4.49
C LYS B 400 4.46 25.11 5.18
N GLU B 401 5.52 25.11 5.97
CA GLU B 401 5.88 23.92 6.73
C GLU B 401 4.82 23.61 7.78
N ALA B 402 4.69 22.33 8.10
CA ALA B 402 3.74 21.88 9.11
C ALA B 402 4.30 22.12 10.52
#